data_5QSR
#
_entry.id   5QSR
#
_cell.length_a   155.700
_cell.length_b   167.400
_cell.length_c   48.110
_cell.angle_alpha   90.000
_cell.angle_beta   90.000
_cell.angle_gamma   90.000
#
_symmetry.space_group_name_H-M   'P 21 21 2'
#
loop_
_entity.id
_entity.type
_entity.pdbx_description
1 polymer 'Cohesin subunit SA-1'
2 non-polymer 2-methyl-N-(pyridin-4-yl)furan-3-carboxamide
3 water water
#
_entity_poly.entity_id   1
_entity_poly.type   'polypeptide(L)'
_entity_poly.pdbx_seq_one_letter_code
;SMSPNGNLIRMLVLFFLESELHEHAAYLVDSLWESSQELLKDWECMTELLLEEPVQGEEAMSDRQESALIELMVCTIRQA
AEAHPPVGRGTGKRVLTAKERKTQIDDRNKLTEHFIITLPMLLSKYSADAEKVANLLQIPQYFDLEIYSTGRMEKHLDAL
LKQIKFVVEKHVESDVLEACSKTYSILCSEEYTIQNRVDIARSQLIDEFVDRFNHSVEDLLQEGEEADDDDIYNVLSTLK
RLTSFHNAHDLTKWDLFGNCYRLLKTGIEHGAMPEQIVVQALQCSHYSILWQLVKITDGSPSKEDLLVLRKTVKSFLAVC
QQCLSNVNTPVKEQAFMLLCDLLMIFSHQLMTGGREGLQPLVFNPDTGLQSELLSFVMDHVFIDQDEENQSMEGDEEDEA
NKIEALHKRRNLLAAFSKLIIYDIVDMHAAADIFKHYMKYYNDYGDIIKETLSKTRQID
;
_entity_poly.pdbx_strand_id   A,B
#
loop_
_chem_comp.id
_chem_comp.type
_chem_comp.name
_chem_comp.formula
NU4 non-polymer 2-methyl-N-(pyridin-4-yl)furan-3-carboxamide 'C11 H10 N2 O2'
#
# COMPACT_ATOMS: atom_id res chain seq x y z
N MET A 2 11.11 -21.60 41.85
CA MET A 2 9.88 -22.06 41.11
C MET A 2 8.61 -21.65 41.90
N SER A 3 8.41 -22.24 43.09
CA SER A 3 7.52 -21.76 44.18
C SER A 3 8.32 -20.98 45.22
N PRO A 4 9.65 -21.20 45.44
CA PRO A 4 10.49 -20.25 46.18
C PRO A 4 10.46 -18.80 45.67
N ASN A 5 10.43 -18.60 44.34
CA ASN A 5 10.31 -17.26 43.74
C ASN A 5 8.87 -16.76 43.85
N GLY A 6 7.88 -17.66 43.76
CA GLY A 6 6.45 -17.28 43.82
C GLY A 6 6.08 -16.69 45.18
N ASN A 7 6.68 -17.18 46.25
CA ASN A 7 6.50 -16.66 47.62
C ASN A 7 7.12 -15.27 47.69
N LEU A 8 8.33 -15.11 47.15
CA LEU A 8 9.04 -13.81 47.21
C LEU A 8 8.22 -12.76 46.45
N ILE A 9 7.51 -13.15 45.41
CA ILE A 9 6.73 -12.22 44.54
C ILE A 9 5.40 -11.90 45.23
N ARG A 10 4.72 -12.93 45.75
CA ARG A 10 3.45 -12.79 46.52
C ARG A 10 3.67 -11.78 47.65
N MET A 11 4.80 -11.90 48.36
CA MET A 11 5.10 -10.99 49.50
C MET A 11 5.45 -9.61 48.93
N LEU A 12 6.26 -9.54 47.87
CA LEU A 12 6.62 -8.24 47.25
C LEU A 12 5.34 -7.50 46.84
N VAL A 13 4.32 -8.19 46.32
CA VAL A 13 3.01 -7.55 45.97
C VAL A 13 2.32 -7.04 47.24
N LEU A 14 2.49 -7.74 48.37
CA LEU A 14 1.82 -7.35 49.64
C LEU A 14 2.52 -6.11 50.23
N PHE A 15 3.85 -6.07 50.20
CA PHE A 15 4.67 -4.95 50.76
C PHE A 15 4.35 -3.64 50.00
N PHE A 16 3.99 -3.75 48.71
CA PHE A 16 3.65 -2.60 47.83
C PHE A 16 2.28 -2.03 48.24
N LEU A 17 1.27 -2.90 48.37
CA LEU A 17 -0.14 -2.50 48.62
C LEU A 17 -0.28 -1.99 50.06
N GLU A 18 0.11 -2.80 51.04
CA GLU A 18 -0.13 -2.55 52.49
C GLU A 18 0.67 -1.35 52.99
N SER A 19 1.91 -1.18 52.53
CA SER A 19 2.78 -0.05 52.96
C SER A 19 2.79 1.04 51.88
N GLU A 20 2.30 2.24 52.22
CA GLU A 20 2.44 3.45 51.36
C GLU A 20 3.87 3.97 51.54
N LEU A 21 4.88 3.07 51.60
CA LEU A 21 6.36 3.38 51.54
C LEU A 21 6.82 3.47 50.08
N HIS A 22 6.07 2.84 49.18
CA HIS A 22 6.15 3.03 47.71
C HIS A 22 4.72 3.26 47.20
N GLU A 23 4.50 4.43 46.60
CA GLU A 23 3.21 4.92 46.04
C GLU A 23 3.08 4.41 44.61
N HIS A 24 4.22 4.44 43.90
CA HIS A 24 4.40 4.19 42.45
C HIS A 24 5.13 2.86 42.23
N ALA A 25 4.48 1.93 41.52
CA ALA A 25 5.04 0.62 41.16
C ALA A 25 6.39 0.80 40.47
N ALA A 26 6.43 1.62 39.43
CA ALA A 26 7.63 1.90 38.60
C ALA A 26 8.81 2.19 39.51
N TYR A 27 8.60 3.08 40.50
CA TYR A 27 9.63 3.57 41.44
C TYR A 27 10.10 2.42 42.34
N LEU A 28 9.18 1.61 42.89
CA LEU A 28 9.50 0.43 43.74
C LEU A 28 10.50 -0.45 42.98
N VAL A 29 10.09 -0.87 41.78
CA VAL A 29 10.81 -1.87 40.95
C VAL A 29 12.21 -1.32 40.66
N ASP A 30 12.28 -0.07 40.18
CA ASP A 30 13.55 0.63 39.89
C ASP A 30 14.50 0.54 41.10
N SER A 31 14.02 0.86 42.30
CA SER A 31 14.80 0.88 43.57
C SER A 31 15.38 -0.50 43.85
N LEU A 32 14.61 -1.56 43.60
CA LEU A 32 15.00 -2.96 43.88
C LEU A 32 15.84 -3.56 42.73
N TRP A 33 16.17 -2.79 41.67
CA TRP A 33 16.62 -3.34 40.36
C TRP A 33 18.08 -3.81 40.41
N GLU A 34 18.99 -2.99 40.95
CA GLU A 34 20.40 -3.38 41.22
C GLU A 34 20.39 -4.69 42.01
N SER A 35 19.54 -4.76 43.04
CA SER A 35 19.61 -5.69 44.19
C SER A 35 18.86 -6.99 43.91
N SER A 36 17.81 -6.95 43.10
CA SER A 36 16.86 -8.07 42.91
C SER A 36 16.38 -8.15 41.44
N GLN A 37 17.29 -8.01 40.48
CA GLN A 37 16.97 -8.09 39.03
C GLN A 37 16.55 -9.51 38.67
N GLU A 38 17.28 -10.52 39.18
CA GLU A 38 17.08 -11.97 38.89
C GLU A 38 15.61 -12.30 39.14
N LEU A 39 15.09 -11.94 40.31
CA LEU A 39 13.71 -12.24 40.80
C LEU A 39 12.66 -11.50 39.96
N LEU A 40 12.88 -10.20 39.71
CA LEU A 40 11.90 -9.28 39.07
C LEU A 40 11.75 -9.60 37.57
N LYS A 41 12.66 -10.39 37.00
CA LYS A 41 12.55 -10.92 35.61
C LYS A 41 12.35 -12.44 35.61
N ASP A 42 11.71 -13.01 36.65
CA ASP A 42 11.12 -14.38 36.59
C ASP A 42 9.68 -14.20 36.09
N TRP A 43 9.54 -13.97 34.79
CA TRP A 43 8.25 -13.66 34.11
C TRP A 43 7.39 -14.93 34.03
N GLU A 44 7.98 -16.11 33.97
CA GLU A 44 7.23 -17.39 33.95
C GLU A 44 6.54 -17.53 35.30
N CYS A 45 7.27 -17.22 36.37
CA CYS A 45 6.79 -17.30 37.78
C CYS A 45 5.51 -16.48 37.92
N MET A 46 5.54 -15.25 37.39
CA MET A 46 4.42 -14.27 37.44
C MET A 46 3.22 -14.81 36.65
N THR A 47 3.35 -14.93 35.33
CA THR A 47 2.25 -15.36 34.43
C THR A 47 1.62 -16.62 35.01
N GLU A 48 2.44 -17.44 35.67
CA GLU A 48 1.99 -18.67 36.36
C GLU A 48 0.99 -18.26 37.45
N LEU A 49 1.47 -17.49 38.42
CA LEU A 49 0.64 -17.03 39.56
C LEU A 49 -0.71 -16.54 39.03
N LEU A 50 -0.69 -15.77 37.94
CA LEU A 50 -1.88 -15.07 37.41
C LEU A 50 -2.82 -16.05 36.72
N LEU A 51 -2.28 -17.07 36.05
CA LEU A 51 -3.06 -17.96 35.16
C LEU A 51 -3.51 -19.23 35.91
N GLU A 52 -2.70 -19.73 36.85
CA GLU A 52 -2.96 -21.01 37.56
C GLU A 52 -4.11 -20.84 38.56
N GLU A 53 -4.83 -21.94 38.84
CA GLU A 53 -5.80 -22.07 39.96
C GLU A 53 -5.05 -22.53 41.20
N PRO A 54 -5.46 -22.13 42.43
CA PRO A 54 -4.72 -22.47 43.65
C PRO A 54 -4.78 -23.95 44.06
N VAL A 55 -4.16 -24.31 45.19
CA VAL A 55 -4.22 -25.67 45.80
C VAL A 55 -5.01 -25.60 47.12
N GLU A 59 -3.67 -20.75 49.10
CA GLU A 59 -4.33 -19.44 49.33
C GLU A 59 -4.50 -18.72 47.99
N ALA A 60 -5.76 -18.47 47.61
CA ALA A 60 -6.11 -17.82 46.32
C ALA A 60 -5.75 -16.33 46.33
N MET A 61 -5.57 -15.74 45.14
CA MET A 61 -5.25 -14.30 44.99
C MET A 61 -6.54 -13.50 44.92
N SER A 62 -6.58 -12.36 45.61
CA SER A 62 -7.76 -11.45 45.65
C SER A 62 -7.64 -10.44 44.51
N ASP A 63 -8.78 -9.96 43.99
CA ASP A 63 -8.84 -9.10 42.77
C ASP A 63 -7.73 -8.04 42.84
N ARG A 64 -7.56 -7.38 43.99
CA ARG A 64 -6.69 -6.19 44.15
C ARG A 64 -5.22 -6.56 44.00
N GLN A 65 -4.80 -7.72 44.50
CA GLN A 65 -3.38 -8.18 44.48
C GLN A 65 -3.00 -8.63 43.07
N GLU A 66 -3.93 -9.30 42.39
CA GLU A 66 -3.80 -9.65 40.96
C GLU A 66 -3.48 -8.36 40.19
N SER A 67 -4.39 -7.38 40.16
CA SER A 67 -4.16 -6.03 39.57
C SER A 67 -2.72 -5.55 39.81
N ALA A 68 -2.24 -5.61 41.06
CA ALA A 68 -0.93 -5.08 41.52
C ALA A 68 0.22 -5.87 40.92
N LEU A 69 0.12 -7.21 40.95
CA LEU A 69 1.09 -8.11 40.29
C LEU A 69 1.21 -7.70 38.81
N ILE A 70 0.08 -7.64 38.09
CA ILE A 70 0.07 -7.24 36.66
C ILE A 70 0.80 -5.90 36.52
N GLU A 71 0.53 -4.91 37.38
CA GLU A 71 1.13 -3.55 37.22
C GLU A 71 2.64 -3.61 37.43
N LEU A 72 3.10 -4.42 38.40
CA LEU A 72 4.54 -4.61 38.73
C LEU A 72 5.22 -5.37 37.59
N MET A 73 4.54 -6.39 37.07
CA MET A 73 5.01 -7.21 35.92
C MET A 73 5.37 -6.29 34.74
N VAL A 74 4.45 -5.42 34.34
CA VAL A 74 4.65 -4.46 33.22
C VAL A 74 5.88 -3.60 33.54
N CYS A 75 6.01 -3.13 34.78
CA CYS A 75 7.10 -2.19 35.19
C CYS A 75 8.46 -2.89 35.07
N THR A 76 8.53 -4.16 35.47
CA THR A 76 9.74 -5.02 35.30
C THR A 76 10.07 -5.18 33.82
N ILE A 77 9.06 -5.50 32.99
CA ILE A 77 9.15 -5.71 31.51
C ILE A 77 9.74 -4.47 30.83
N ARG A 78 9.24 -3.28 31.18
CA ARG A 78 9.82 -2.00 30.69
C ARG A 78 11.29 -1.97 31.11
N GLN A 79 11.56 -1.94 32.42
CA GLN A 79 12.92 -1.64 32.94
C GLN A 79 13.92 -2.60 32.27
N ALA A 80 13.51 -3.84 32.01
CA ALA A 80 14.37 -4.86 31.36
C ALA A 80 14.62 -4.44 29.91
N ALA A 81 13.56 -4.09 29.17
CA ALA A 81 13.59 -3.73 27.73
C ALA A 81 14.41 -2.44 27.54
N GLU A 82 14.09 -1.36 28.27
CA GLU A 82 14.69 0.00 28.11
C GLU A 82 16.12 0.01 28.66
N ALA A 83 16.39 -0.78 29.71
CA ALA A 83 17.69 -0.93 30.40
C ALA A 83 18.13 0.41 31.00
N HIS A 84 17.19 1.14 31.59
CA HIS A 84 17.39 2.45 32.28
C HIS A 84 16.23 2.71 33.23
N PRO A 85 16.47 3.44 34.34
CA PRO A 85 15.42 3.77 35.30
C PRO A 85 14.25 4.50 34.66
N PRO A 86 13.01 4.41 35.21
CA PRO A 86 11.84 5.03 34.58
C PRO A 86 11.94 6.56 34.58
N VAL A 87 10.97 7.20 33.93
CA VAL A 87 10.81 8.68 33.93
C VAL A 87 10.64 9.11 35.39
N GLY A 88 11.41 10.09 35.85
CA GLY A 88 11.37 10.57 37.24
C GLY A 88 12.57 10.10 38.04
N ARG A 89 13.28 9.05 37.58
CA ARG A 89 14.48 8.49 38.25
C ARG A 89 15.68 8.48 37.30
N GLY A 90 15.50 8.86 36.03
CA GLY A 90 16.57 8.91 35.01
C GLY A 90 17.61 9.96 35.36
N THR A 91 18.83 9.84 34.80
CA THR A 91 19.95 10.81 35.02
C THR A 91 20.48 11.28 33.65
N ARG A 94 23.88 7.80 30.41
CA ARG A 94 23.05 6.69 29.89
C ARG A 94 23.86 5.91 28.84
N VAL A 95 25.04 5.39 29.24
CA VAL A 95 26.01 4.59 28.40
C VAL A 95 26.19 3.19 29.02
N LEU A 96 25.71 2.14 28.34
CA LEU A 96 25.79 0.72 28.80
C LEU A 96 27.21 0.19 28.60
N THR A 97 27.63 -0.73 29.47
CA THR A 97 28.86 -1.55 29.34
C THR A 97 28.56 -2.70 28.38
N ALA A 98 29.61 -3.28 27.80
CA ALA A 98 29.56 -4.51 26.97
C ALA A 98 28.50 -5.46 27.53
N LYS A 99 28.57 -5.76 28.84
CA LYS A 99 27.78 -6.80 29.52
C LYS A 99 26.33 -6.33 29.77
N GLU A 100 26.14 -5.04 30.10
CA GLU A 100 24.79 -4.45 30.32
C GLU A 100 23.99 -4.57 29.02
N ARG A 101 24.60 -4.23 27.87
CA ARG A 101 23.94 -4.27 26.54
C ARG A 101 23.58 -5.73 26.21
N LYS A 102 24.57 -6.63 26.29
CA LYS A 102 24.45 -8.09 26.04
C LYS A 102 23.27 -8.67 26.84
N THR A 103 23.08 -8.22 28.09
CA THR A 103 21.95 -8.64 28.97
C THR A 103 20.64 -8.11 28.39
N GLN A 104 20.57 -6.82 28.08
CA GLN A 104 19.36 -6.15 27.51
C GLN A 104 18.82 -6.98 26.34
N ILE A 105 19.71 -7.42 25.44
CA ILE A 105 19.33 -8.18 24.21
C ILE A 105 18.73 -9.52 24.65
N ASP A 106 19.41 -10.20 25.58
CA ASP A 106 19.04 -11.56 26.08
C ASP A 106 17.66 -11.47 26.79
N ASP A 107 17.41 -10.40 27.54
CA ASP A 107 16.16 -10.13 28.30
C ASP A 107 15.01 -9.93 27.32
N ARG A 108 15.19 -9.00 26.38
CA ARG A 108 14.20 -8.68 25.32
C ARG A 108 13.75 -9.96 24.62
N ASN A 109 14.71 -10.84 24.28
CA ASN A 109 14.40 -12.12 23.60
C ASN A 109 13.48 -12.94 24.50
N LYS A 110 13.79 -13.01 25.81
CA LYS A 110 13.07 -13.85 26.81
C LYS A 110 11.62 -13.38 26.95
N LEU A 111 11.42 -12.11 27.25
CA LEU A 111 10.09 -11.53 27.55
C LEU A 111 9.20 -11.57 26.30
N THR A 112 9.77 -11.39 25.11
CA THR A 112 9.03 -11.49 23.83
C THR A 112 8.57 -12.93 23.61
N GLU A 113 9.54 -13.86 23.54
CA GLU A 113 9.27 -15.30 23.30
C GLU A 113 8.17 -15.73 24.28
N HIS A 114 8.29 -15.26 25.53
CA HIS A 114 7.39 -15.64 26.64
C HIS A 114 6.02 -15.01 26.42
N PHE A 115 5.96 -13.68 26.33
CA PHE A 115 4.67 -12.95 26.43
C PHE A 115 3.89 -13.10 25.12
N ILE A 116 4.56 -13.34 23.98
CA ILE A 116 3.87 -13.67 22.70
C ILE A 116 2.93 -14.85 23.00
N ILE A 117 3.47 -15.87 23.66
CA ILE A 117 2.78 -17.14 24.03
C ILE A 117 1.68 -16.84 25.05
N THR A 118 2.00 -16.05 26.10
CA THR A 118 1.21 -15.93 27.36
C THR A 118 0.30 -14.70 27.38
N LEU A 119 0.67 -13.61 26.70
CA LEU A 119 -0.15 -12.37 26.77
C LEU A 119 -1.56 -12.67 26.25
N PRO A 120 -1.72 -13.44 25.14
CA PRO A 120 -3.04 -13.87 24.70
C PRO A 120 -3.86 -14.62 25.77
N MET A 121 -3.20 -15.39 26.63
CA MET A 121 -3.85 -16.21 27.69
C MET A 121 -4.22 -15.28 28.86
N LEU A 122 -3.39 -14.28 29.13
CA LEU A 122 -3.69 -13.29 30.19
C LEU A 122 -4.92 -12.49 29.77
N LEU A 123 -4.92 -11.98 28.55
CA LEU A 123 -6.03 -11.16 28.02
C LEU A 123 -7.32 -11.98 28.06
N SER A 124 -7.24 -13.20 27.53
CA SER A 124 -8.31 -14.22 27.60
C SER A 124 -8.95 -14.20 29.00
N LYS A 125 -8.16 -14.54 30.02
CA LYS A 125 -8.63 -14.84 31.40
C LYS A 125 -9.27 -13.59 32.02
N TYR A 126 -8.67 -12.42 31.81
CA TYR A 126 -9.05 -11.16 32.50
C TYR A 126 -9.82 -10.22 31.57
N SER A 127 -10.58 -10.76 30.60
CA SER A 127 -11.16 -10.05 29.44
C SER A 127 -12.07 -8.88 29.86
N ALA A 128 -12.77 -8.95 31.00
CA ALA A 128 -13.81 -7.97 31.41
C ALA A 128 -13.27 -6.94 32.43
N ASP A 129 -12.02 -7.07 32.88
CA ASP A 129 -11.38 -6.19 33.89
C ASP A 129 -10.61 -5.08 33.16
N ALA A 130 -11.33 -4.07 32.67
CA ALA A 130 -10.80 -2.93 31.88
C ALA A 130 -9.43 -2.47 32.39
N GLU A 131 -9.31 -2.19 33.69
CA GLU A 131 -8.05 -1.70 34.32
C GLU A 131 -6.92 -2.69 34.01
N LYS A 132 -7.18 -3.98 34.22
CA LYS A 132 -6.18 -5.07 33.99
C LYS A 132 -5.83 -5.15 32.50
N VAL A 133 -6.85 -5.26 31.64
CA VAL A 133 -6.67 -5.40 30.16
C VAL A 133 -5.77 -4.26 29.66
N ALA A 134 -6.11 -3.02 30.01
CA ALA A 134 -5.35 -1.83 29.58
C ALA A 134 -3.89 -1.92 30.05
N ASN A 135 -3.67 -2.49 31.24
CA ASN A 135 -2.32 -2.54 31.87
C ASN A 135 -1.51 -3.61 31.11
N LEU A 136 -2.15 -4.74 30.82
CA LEU A 136 -1.55 -5.87 30.04
C LEU A 136 -1.13 -5.39 28.65
N LEU A 137 -2.00 -4.62 27.97
CA LEU A 137 -1.83 -4.21 26.55
C LEU A 137 -0.72 -3.17 26.40
N GLN A 138 -0.05 -2.79 27.50
CA GLN A 138 1.15 -1.93 27.47
C GLN A 138 2.36 -2.78 27.10
N ILE A 139 2.20 -4.10 26.96
CA ILE A 139 3.32 -5.07 26.89
C ILE A 139 3.92 -5.14 25.48
N PRO A 140 3.10 -5.30 24.40
CA PRO A 140 3.63 -5.54 23.05
C PRO A 140 4.57 -4.43 22.57
N GLN A 141 4.37 -3.21 23.05
CA GLN A 141 5.25 -2.06 22.74
C GLN A 141 6.72 -2.44 22.96
N TYR A 142 7.01 -3.40 23.86
CA TYR A 142 8.41 -3.79 24.24
C TYR A 142 8.86 -5.05 23.48
N PHE A 143 7.95 -5.70 22.72
CA PHE A 143 8.25 -6.91 21.92
C PHE A 143 9.34 -6.63 20.88
N ASP A 144 10.12 -7.68 20.58
CA ASP A 144 11.11 -7.78 19.50
C ASP A 144 10.39 -8.34 18.27
N LEU A 145 9.37 -7.60 17.80
CA LEU A 145 8.24 -8.03 16.90
C LEU A 145 8.68 -8.95 15.75
N GLU A 146 9.94 -8.89 15.33
CA GLU A 146 10.50 -9.72 14.22
C GLU A 146 10.39 -11.21 14.58
N ILE A 147 10.26 -11.53 15.88
CA ILE A 147 10.21 -12.92 16.42
C ILE A 147 8.86 -13.58 16.09
N TYR A 148 7.85 -12.83 15.66
CA TYR A 148 6.55 -13.40 15.20
C TYR A 148 6.77 -14.25 13.94
N SER A 149 7.90 -14.05 13.25
CA SER A 149 8.36 -14.86 12.08
C SER A 149 9.39 -15.93 12.51
N THR A 150 10.51 -15.49 13.10
CA THR A 150 11.66 -16.31 13.60
C THR A 150 11.17 -17.58 14.33
N GLY A 151 10.23 -17.45 15.26
CA GLY A 151 9.78 -18.55 16.15
C GLY A 151 8.71 -19.42 15.50
N ARG A 152 8.39 -19.14 14.22
CA ARG A 152 7.25 -19.73 13.45
C ARG A 152 5.97 -19.55 14.28
N MET A 153 5.83 -18.35 14.87
CA MET A 153 4.89 -18.07 15.98
C MET A 153 3.62 -17.39 15.45
N GLU A 154 3.43 -17.46 14.13
CA GLU A 154 2.22 -16.98 13.42
C GLU A 154 0.99 -17.31 14.27
N LYS A 155 0.90 -18.52 14.82
CA LYS A 155 -0.31 -18.99 15.56
C LYS A 155 -0.65 -17.99 16.67
N HIS A 156 0.34 -17.60 17.48
CA HIS A 156 0.13 -16.75 18.69
C HIS A 156 -0.29 -15.33 18.30
N LEU A 157 0.10 -14.85 17.13
CA LEU A 157 -0.26 -13.50 16.64
C LEU A 157 -1.77 -13.47 16.35
N ASP A 158 -2.27 -14.51 15.67
CA ASP A 158 -3.73 -14.71 15.52
C ASP A 158 -4.37 -14.68 16.90
N ALA A 159 -3.81 -15.41 17.88
CA ALA A 159 -4.38 -15.52 19.25
C ALA A 159 -4.51 -14.12 19.86
N LEU A 160 -3.43 -13.33 19.83
CA LEU A 160 -3.42 -11.96 20.39
C LEU A 160 -4.58 -11.18 19.77
N LEU A 161 -4.66 -11.20 18.44
CA LEU A 161 -5.62 -10.41 17.61
C LEU A 161 -7.07 -10.85 17.94
N LYS A 162 -7.31 -12.15 18.02
CA LYS A 162 -8.60 -12.74 18.47
C LYS A 162 -8.98 -12.07 19.79
N GLN A 163 -8.01 -11.91 20.71
CA GLN A 163 -8.26 -11.44 22.10
C GLN A 163 -8.46 -9.92 22.10
N ILE A 164 -7.72 -9.18 21.28
CA ILE A 164 -7.86 -7.69 21.18
C ILE A 164 -9.25 -7.40 20.62
N LYS A 165 -9.70 -8.19 19.64
CA LYS A 165 -11.12 -8.19 19.17
C LYS A 165 -12.03 -8.30 20.40
N PHE A 166 -12.02 -9.44 21.11
CA PHE A 166 -12.93 -9.70 22.25
C PHE A 166 -12.96 -8.44 23.10
N VAL A 167 -11.78 -7.93 23.45
CA VAL A 167 -11.61 -6.75 24.37
C VAL A 167 -12.37 -5.53 23.81
N VAL A 168 -12.15 -5.15 22.55
CA VAL A 168 -12.81 -3.95 21.94
C VAL A 168 -14.32 -4.22 21.93
N GLU A 169 -14.72 -5.47 21.68
CA GLU A 169 -16.14 -5.88 21.51
C GLU A 169 -16.85 -5.80 22.87
N LYS A 170 -16.11 -5.92 23.99
CA LYS A 170 -16.68 -6.03 25.36
C LYS A 170 -16.68 -4.66 26.07
N HIS A 171 -15.89 -3.69 25.60
CA HIS A 171 -15.50 -2.48 26.41
C HIS A 171 -15.79 -1.15 25.69
N VAL A 172 -15.96 -0.08 26.49
CA VAL A 172 -16.25 1.31 26.02
C VAL A 172 -15.36 2.33 26.75
N GLU A 173 -14.58 1.93 27.76
CA GLU A 173 -13.72 2.86 28.54
C GLU A 173 -12.62 3.36 27.61
N SER A 174 -12.30 4.64 27.67
CA SER A 174 -11.39 5.29 26.69
C SER A 174 -9.95 4.83 26.95
N ASP A 175 -9.65 4.34 28.15
CA ASP A 175 -8.34 3.75 28.52
C ASP A 175 -8.10 2.47 27.72
N VAL A 176 -9.08 1.56 27.77
CA VAL A 176 -9.01 0.20 27.18
C VAL A 176 -8.84 0.36 25.67
N LEU A 177 -9.75 1.13 25.08
CA LEU A 177 -9.89 1.29 23.60
C LEU A 177 -8.59 1.87 23.06
N GLU A 178 -8.14 2.97 23.65
CA GLU A 178 -6.87 3.65 23.29
C GLU A 178 -5.73 2.62 23.37
N ALA A 179 -5.69 1.83 24.43
CA ALA A 179 -4.69 0.77 24.63
C ALA A 179 -4.77 -0.22 23.48
N CYS A 180 -5.99 -0.53 23.01
CA CYS A 180 -6.24 -1.44 21.86
C CYS A 180 -5.79 -0.81 20.53
N SER A 181 -6.04 0.49 20.34
CA SER A 181 -5.62 1.24 19.12
C SER A 181 -4.09 1.22 19.02
N LYS A 182 -3.39 1.68 20.07
CA LYS A 182 -1.91 1.72 20.14
C LYS A 182 -1.31 0.32 19.87
N THR A 183 -1.92 -0.74 20.38
CA THR A 183 -1.43 -2.13 20.21
C THR A 183 -1.42 -2.48 18.71
N TYR A 184 -2.47 -2.09 17.97
CA TYR A 184 -2.57 -2.30 16.51
C TYR A 184 -1.45 -1.53 15.80
N SER A 185 -1.37 -0.21 16.02
CA SER A 185 -0.31 0.67 15.49
C SER A 185 1.08 0.02 15.65
N ILE A 186 1.35 -0.54 16.83
CA ILE A 186 2.67 -1.17 17.15
C ILE A 186 2.83 -2.44 16.31
N LEU A 187 1.87 -3.35 16.36
CA LEU A 187 1.93 -4.60 15.57
C LEU A 187 1.85 -4.29 14.08
N CYS A 188 0.94 -3.39 13.74
CA CYS A 188 0.55 -3.07 12.34
C CYS A 188 1.71 -2.54 11.49
N SER A 189 2.57 -1.68 12.01
CA SER A 189 3.59 -1.11 11.09
C SER A 189 5.01 -1.52 11.44
N GLU A 190 5.21 -2.23 12.54
CA GLU A 190 6.60 -2.57 12.96
C GLU A 190 7.34 -3.50 11.98
N GLU A 191 6.71 -4.52 11.42
CA GLU A 191 7.46 -5.39 10.46
C GLU A 191 6.65 -5.51 9.18
N TYR A 192 7.29 -5.99 8.11
CA TYR A 192 6.45 -6.25 6.92
C TYR A 192 5.90 -7.66 6.99
N THR A 193 6.71 -8.60 7.47
CA THR A 193 6.35 -10.05 7.59
C THR A 193 4.94 -10.17 8.18
N ILE A 194 4.66 -9.44 9.26
CA ILE A 194 3.37 -9.49 10.01
C ILE A 194 2.42 -8.40 9.50
N GLN A 195 2.95 -7.27 9.02
CA GLN A 195 2.15 -6.07 8.62
C GLN A 195 0.85 -6.56 7.98
N ASN A 196 0.96 -7.35 6.90
CA ASN A 196 -0.20 -7.75 6.04
C ASN A 196 -1.27 -8.38 6.93
N ARG A 197 -0.87 -9.33 7.79
CA ARG A 197 -1.82 -10.13 8.61
C ARG A 197 -2.64 -9.16 9.48
N VAL A 198 -1.95 -8.27 10.18
CA VAL A 198 -2.55 -7.34 11.19
C VAL A 198 -3.52 -6.40 10.45
N ASP A 199 -3.09 -5.87 9.31
CA ASP A 199 -3.89 -4.93 8.49
C ASP A 199 -5.27 -5.52 8.29
N ILE A 200 -5.33 -6.82 7.99
CA ILE A 200 -6.59 -7.54 7.63
C ILE A 200 -7.49 -7.60 8.86
N ALA A 201 -6.98 -8.12 9.98
CA ALA A 201 -7.71 -8.25 11.26
C ALA A 201 -8.31 -6.87 11.59
N ARG A 202 -7.47 -5.84 11.53
CA ARG A 202 -7.85 -4.45 11.86
C ARG A 202 -9.09 -4.08 11.03
N SER A 203 -8.92 -3.95 9.72
CA SER A 203 -9.96 -3.39 8.81
C SER A 203 -11.21 -4.28 8.82
N GLN A 204 -11.13 -5.53 9.27
CA GLN A 204 -12.34 -6.35 9.55
C GLN A 204 -13.01 -5.79 10.82
N LEU A 205 -12.25 -5.70 11.91
CA LEU A 205 -12.69 -5.09 13.20
C LEU A 205 -13.39 -3.76 12.91
N ILE A 206 -12.74 -2.87 12.18
CA ILE A 206 -13.31 -1.54 11.79
C ILE A 206 -14.66 -1.77 11.11
N ASP A 207 -14.66 -2.44 9.94
CA ASP A 207 -15.85 -2.63 9.06
C ASP A 207 -17.06 -3.04 9.87
N GLU A 208 -16.88 -3.98 10.82
CA GLU A 208 -17.98 -4.53 11.65
C GLU A 208 -18.63 -3.39 12.43
N PHE A 209 -17.79 -2.46 12.92
CA PHE A 209 -18.14 -1.37 13.86
C PHE A 209 -18.65 -0.13 13.09
N VAL A 210 -18.25 0.01 11.83
CA VAL A 210 -18.77 1.08 10.94
C VAL A 210 -20.19 0.69 10.52
N ASP A 211 -20.43 -0.58 10.15
CA ASP A 211 -21.79 -1.10 9.82
C ASP A 211 -22.71 -0.87 11.02
N ARG A 212 -22.39 -1.47 12.17
CA ARG A 212 -23.16 -1.29 13.43
C ARG A 212 -23.41 0.21 13.64
N PHE A 213 -22.36 1.05 13.74
CA PHE A 213 -22.46 2.52 13.92
C PHE A 213 -23.53 3.12 12.99
N ASN A 214 -23.48 2.74 11.70
CA ASN A 214 -24.24 3.37 10.59
C ASN A 214 -25.72 3.01 10.71
N HIS A 215 -26.02 1.72 10.90
CA HIS A 215 -27.38 1.19 11.23
C HIS A 215 -27.87 1.87 12.52
N SER A 216 -27.01 1.98 13.53
CA SER A 216 -27.31 2.66 14.83
C SER A 216 -27.65 4.13 14.60
N VAL A 217 -26.88 4.81 13.75
CA VAL A 217 -27.12 6.25 13.40
C VAL A 217 -28.53 6.33 12.84
N GLU A 218 -28.81 5.54 11.80
CA GLU A 218 -30.13 5.55 11.13
C GLU A 218 -31.23 5.28 12.16
N ASP A 219 -31.16 4.14 12.86
CA ASP A 219 -32.11 3.78 13.95
C ASP A 219 -32.47 5.08 14.70
N LEU A 220 -31.45 5.79 15.20
CA LEU A 220 -31.61 6.95 16.12
C LEU A 220 -32.35 8.08 15.40
N LEU A 221 -31.80 8.58 14.28
CA LEU A 221 -32.28 9.82 13.59
C LEU A 221 -33.70 9.63 13.06
N GLN A 222 -34.04 8.42 12.60
CA GLN A 222 -35.41 8.08 12.12
C GLN A 222 -36.36 8.18 13.33
N GLU A 223 -35.91 7.76 14.52
CA GLU A 223 -36.61 7.92 15.82
C GLU A 223 -36.02 9.13 16.58
N GLU A 226 -39.84 10.41 20.07
CA GLU A 226 -39.58 9.02 20.53
C GLU A 226 -38.23 8.55 19.97
N ALA A 227 -37.26 8.31 20.86
CA ALA A 227 -35.95 7.65 20.57
C ALA A 227 -35.60 6.74 21.75
N ASP A 228 -35.64 5.42 21.53
CA ASP A 228 -35.35 4.36 22.53
C ASP A 228 -34.05 4.71 23.29
N ASP A 229 -33.93 4.28 24.55
CA ASP A 229 -32.67 4.29 25.35
C ASP A 229 -31.60 3.42 24.66
N ASP A 230 -32.01 2.31 24.04
CA ASP A 230 -31.12 1.41 23.27
C ASP A 230 -30.51 2.14 22.07
N ASP A 231 -31.36 2.83 21.30
CA ASP A 231 -31.00 3.62 20.09
C ASP A 231 -29.78 4.50 20.46
N ILE A 232 -29.84 5.13 21.64
CA ILE A 232 -28.80 6.03 22.23
C ILE A 232 -27.56 5.23 22.62
N TYR A 233 -27.72 4.09 23.31
CA TYR A 233 -26.60 3.22 23.75
C TYR A 233 -25.78 2.80 22.52
N ASN A 234 -26.46 2.25 21.50
CA ASN A 234 -25.88 1.65 20.28
C ASN A 234 -25.02 2.68 19.53
N VAL A 235 -25.58 3.88 19.29
CA VAL A 235 -24.90 5.00 18.58
C VAL A 235 -23.59 5.29 19.32
N LEU A 236 -23.72 5.62 20.60
CA LEU A 236 -22.58 6.02 21.46
C LEU A 236 -21.56 4.89 21.50
N SER A 237 -21.99 3.70 21.92
CA SER A 237 -21.09 2.54 22.15
C SER A 237 -20.12 2.44 20.98
N THR A 238 -20.64 2.26 19.76
CA THR A 238 -19.87 2.10 18.49
C THR A 238 -19.01 3.33 18.21
N LEU A 239 -19.60 4.53 18.24
CA LEU A 239 -18.86 5.78 17.98
C LEU A 239 -17.59 5.74 18.83
N LYS A 240 -17.72 5.61 20.15
CA LYS A 240 -16.56 5.64 21.09
C LYS A 240 -15.42 4.84 20.50
N ARG A 241 -15.67 3.57 20.13
CA ARG A 241 -14.63 2.64 19.61
C ARG A 241 -13.93 3.27 18.40
N LEU A 242 -14.73 3.81 17.48
CA LEU A 242 -14.22 4.37 16.20
C LEU A 242 -13.45 5.65 16.48
N THR A 243 -13.95 6.49 17.39
CA THR A 243 -13.27 7.75 17.81
C THR A 243 -11.89 7.39 18.37
N SER A 244 -11.84 6.43 19.30
CA SER A 244 -10.58 5.97 19.95
C SER A 244 -9.54 5.69 18.88
N PHE A 245 -9.85 4.74 17.99
CA PHE A 245 -8.95 4.31 16.89
C PHE A 245 -8.62 5.46 15.94
N HIS A 246 -9.58 6.33 15.60
CA HIS A 246 -9.41 7.34 14.51
C HIS A 246 -8.23 8.27 14.80
N ASN A 247 -7.74 8.32 16.04
CA ASN A 247 -6.57 9.16 16.41
C ASN A 247 -5.31 8.64 15.70
N ALA A 248 -4.98 7.36 15.85
CA ALA A 248 -3.69 6.77 15.40
C ALA A 248 -3.87 5.94 14.12
N HIS A 249 -5.11 5.78 13.66
CA HIS A 249 -5.48 5.06 12.40
C HIS A 249 -6.30 5.97 11.48
N ASP A 250 -5.99 5.96 10.18
CA ASP A 250 -6.61 6.85 9.16
C ASP A 250 -7.88 6.21 8.60
N LEU A 251 -9.02 6.42 9.24
CA LEU A 251 -10.32 5.83 8.82
C LEU A 251 -11.07 6.71 7.80
N THR A 252 -10.40 7.54 7.01
CA THR A 252 -11.09 8.52 6.13
C THR A 252 -11.88 7.77 5.04
N LYS A 253 -11.44 6.56 4.66
CA LYS A 253 -12.04 5.74 3.57
C LYS A 253 -13.49 5.40 3.92
N TRP A 254 -13.80 5.23 5.21
CA TRP A 254 -15.19 5.20 5.75
C TRP A 254 -15.62 6.64 6.08
N ASP A 255 -16.56 7.24 5.32
CA ASP A 255 -16.97 8.65 5.54
C ASP A 255 -17.68 8.73 6.90
N LEU A 256 -16.90 8.87 7.98
CA LEU A 256 -17.44 8.96 9.36
C LEU A 256 -17.91 10.40 9.59
N PHE A 257 -17.16 11.37 9.07
CA PHE A 257 -17.47 12.80 9.23
C PHE A 257 -18.95 13.05 8.86
N GLY A 258 -19.42 12.38 7.80
CA GLY A 258 -20.78 12.53 7.26
C GLY A 258 -21.83 12.34 8.35
N ASN A 259 -21.76 11.19 9.02
CA ASN A 259 -22.77 10.70 10.00
C ASN A 259 -22.64 11.51 11.30
N CYS A 260 -21.40 11.75 11.74
CA CYS A 260 -21.12 12.64 12.89
C CYS A 260 -21.79 14.00 12.63
N TYR A 261 -21.55 14.59 11.45
CA TYR A 261 -22.10 15.91 11.07
C TYR A 261 -23.63 15.93 11.30
N ARG A 262 -24.33 14.83 10.98
CA ARG A 262 -25.82 14.71 11.06
C ARG A 262 -26.25 14.65 12.53
N LEU A 263 -25.68 13.70 13.25
CA LEU A 263 -25.79 13.59 14.73
C LEU A 263 -25.71 14.98 15.36
N LEU A 264 -24.69 15.79 14.99
CA LEU A 264 -24.42 17.12 15.59
C LEU A 264 -25.52 18.11 15.18
N LYS A 265 -25.94 18.06 13.92
CA LYS A 265 -26.95 18.96 13.32
C LYS A 265 -28.30 18.72 13.99
N THR A 266 -28.65 17.45 14.22
CA THR A 266 -29.90 17.00 14.88
C THR A 266 -29.95 17.47 16.34
N GLY A 267 -28.81 17.44 17.02
CA GLY A 267 -28.67 17.84 18.42
C GLY A 267 -28.77 19.35 18.60
N ILE A 268 -28.33 20.11 17.60
CA ILE A 268 -28.50 21.61 17.56
C ILE A 268 -29.97 21.91 17.25
N GLU A 269 -30.50 21.42 16.13
CA GLU A 269 -31.90 21.69 15.65
C GLU A 269 -32.87 21.38 16.79
N HIS A 270 -33.11 20.09 17.07
CA HIS A 270 -34.17 19.61 18.00
C HIS A 270 -33.60 19.56 19.41
N GLY A 271 -32.31 19.90 19.56
CA GLY A 271 -31.69 20.30 20.84
C GLY A 271 -31.63 19.16 21.87
N ALA A 272 -31.91 17.91 21.48
CA ALA A 272 -32.12 16.76 22.40
C ALA A 272 -31.27 15.57 21.94
N MET A 273 -29.96 15.79 21.93
CA MET A 273 -28.90 14.78 21.64
C MET A 273 -28.14 14.57 22.93
N PRO A 274 -27.88 13.31 23.35
CA PRO A 274 -27.10 13.08 24.56
C PRO A 274 -25.69 13.69 24.52
N GLU A 275 -25.20 14.14 25.68
CA GLU A 275 -23.96 14.94 25.83
C GLU A 275 -22.75 14.10 25.41
N GLN A 276 -22.68 12.82 25.77
CA GLN A 276 -21.50 12.00 25.41
C GLN A 276 -21.51 11.77 23.90
N ILE A 277 -22.67 11.47 23.31
CA ILE A 277 -22.79 11.31 21.82
C ILE A 277 -22.23 12.56 21.14
N VAL A 278 -22.63 13.76 21.59
CA VAL A 278 -22.17 15.01 20.93
C VAL A 278 -20.64 15.09 21.05
N VAL A 279 -20.10 14.97 22.26
CA VAL A 279 -18.64 15.12 22.53
C VAL A 279 -17.87 14.19 21.62
N GLN A 280 -18.29 12.93 21.49
CA GLN A 280 -17.56 11.88 20.72
C GLN A 280 -17.61 12.21 19.22
N ALA A 281 -18.81 12.53 18.72
CA ALA A 281 -19.10 12.94 17.33
C ALA A 281 -18.27 14.19 16.95
N LEU A 282 -18.06 15.10 17.89
CA LEU A 282 -17.12 16.24 17.72
C LEU A 282 -15.68 15.71 17.53
N GLN A 283 -15.17 14.94 18.49
CA GLN A 283 -13.76 14.46 18.51
C GLN A 283 -13.52 13.63 17.25
N CYS A 284 -14.42 12.70 16.94
CA CYS A 284 -14.33 11.82 15.75
C CYS A 284 -14.24 12.64 14.46
N SER A 285 -15.12 13.64 14.30
CA SER A 285 -15.11 14.60 13.16
C SER A 285 -13.73 15.26 13.03
N HIS A 286 -13.15 15.71 14.15
CA HIS A 286 -11.85 16.44 14.21
C HIS A 286 -10.76 15.54 13.64
N TYR A 287 -10.71 14.29 14.12
CA TYR A 287 -9.72 13.27 13.68
C TYR A 287 -9.89 13.01 12.18
N SER A 288 -11.14 13.00 11.69
CA SER A 288 -11.48 12.88 10.24
C SER A 288 -10.74 13.99 9.50
N ILE A 289 -10.82 15.21 10.04
CA ILE A 289 -10.33 16.46 9.38
C ILE A 289 -8.79 16.50 9.40
N LEU A 290 -8.13 16.09 10.48
CA LEU A 290 -6.64 16.15 10.60
C LEU A 290 -5.99 15.21 9.58
N TRP A 291 -6.60 14.05 9.40
CA TRP A 291 -6.15 12.98 8.48
C TRP A 291 -6.46 13.41 7.04
N GLN A 292 -7.52 14.19 6.84
CA GLN A 292 -7.83 14.77 5.51
C GLN A 292 -6.74 15.78 5.19
N LEU A 293 -6.30 16.54 6.20
CA LEU A 293 -5.25 17.59 6.04
C LEU A 293 -3.92 16.93 5.69
N VAL A 294 -3.55 15.88 6.42
CA VAL A 294 -2.27 15.13 6.26
C VAL A 294 -2.12 14.59 4.83
N LYS A 295 -3.16 13.95 4.28
CA LYS A 295 -3.17 13.39 2.90
C LYS A 295 -2.99 14.55 1.91
N ILE A 296 -3.56 15.72 2.22
CA ILE A 296 -3.57 16.89 1.30
C ILE A 296 -2.29 17.73 1.47
N THR A 297 -1.56 17.64 2.60
CA THR A 297 -0.20 18.20 2.76
C THR A 297 0.81 17.44 1.90
N ASP A 298 0.72 16.09 1.93
CA ASP A 298 1.76 15.14 1.42
C ASP A 298 1.55 14.87 -0.08
N GLY A 299 0.30 14.75 -0.55
CA GLY A 299 -0.04 14.69 -1.99
C GLY A 299 0.26 16.02 -2.67
N SER A 300 0.18 16.07 -4.01
CA SER A 300 0.13 17.34 -4.80
C SER A 300 -1.31 17.63 -5.17
N PRO A 301 -2.09 18.28 -4.28
CA PRO A 301 -3.55 18.34 -4.38
C PRO A 301 -4.00 19.46 -5.32
N SER A 302 -5.11 19.25 -6.02
CA SER A 302 -5.63 20.19 -7.05
C SER A 302 -6.32 21.37 -6.37
N LYS A 303 -7.02 22.18 -7.15
CA LYS A 303 -7.91 23.27 -6.69
C LYS A 303 -9.10 22.68 -5.92
N GLU A 304 -9.92 21.84 -6.56
CA GLU A 304 -11.17 21.25 -5.97
C GLU A 304 -10.80 20.44 -4.72
N ASP A 305 -9.69 19.69 -4.73
CA ASP A 305 -9.16 18.95 -3.55
C ASP A 305 -9.24 19.88 -2.33
N LEU A 306 -8.55 21.02 -2.43
CA LEU A 306 -8.49 22.07 -1.39
C LEU A 306 -9.91 22.51 -1.02
N LEU A 307 -10.69 22.95 -2.01
CA LEU A 307 -11.99 23.66 -1.80
C LEU A 307 -13.02 22.70 -1.21
N VAL A 308 -12.96 21.41 -1.50
CA VAL A 308 -13.90 20.42 -0.90
C VAL A 308 -13.55 20.23 0.58
N LEU A 309 -12.27 20.12 0.95
CA LEU A 309 -11.82 20.10 2.38
C LEU A 309 -12.22 21.42 3.07
N ARG A 310 -12.10 22.57 2.41
CA ARG A 310 -12.39 23.90 3.01
C ARG A 310 -13.83 23.88 3.55
N LYS A 311 -14.80 23.58 2.69
CA LYS A 311 -16.25 23.54 3.04
C LYS A 311 -16.44 22.63 4.26
N THR A 312 -15.78 21.47 4.26
CA THR A 312 -15.79 20.47 5.36
C THR A 312 -15.34 21.16 6.65
N VAL A 313 -14.30 21.98 6.58
CA VAL A 313 -13.66 22.65 7.76
C VAL A 313 -14.58 23.78 8.22
N LYS A 314 -15.12 24.59 7.31
CA LYS A 314 -15.98 25.75 7.69
C LYS A 314 -17.30 25.19 8.25
N SER A 315 -17.90 24.20 7.57
CA SER A 315 -19.15 23.57 8.02
C SER A 315 -18.95 23.01 9.43
N PHE A 316 -17.72 22.56 9.76
CA PHE A 316 -17.39 21.97 11.09
C PHE A 316 -17.07 23.06 12.12
N LEU A 317 -16.34 24.11 11.74
CA LEU A 317 -16.08 25.28 12.61
C LEU A 317 -17.42 25.85 13.04
N ALA A 318 -18.38 25.93 12.12
CA ALA A 318 -19.80 26.29 12.38
C ALA A 318 -20.40 25.41 13.50
N VAL A 319 -20.29 24.08 13.34
CA VAL A 319 -20.87 23.10 14.30
C VAL A 319 -20.26 23.34 15.68
N CYS A 320 -18.93 23.47 15.77
CA CYS A 320 -18.20 23.66 17.06
C CYS A 320 -18.67 24.98 17.69
N GLN A 321 -18.79 26.04 16.89
CA GLN A 321 -19.26 27.35 17.39
C GLN A 321 -20.65 27.16 17.98
N GLN A 322 -21.57 26.58 17.22
CA GLN A 322 -23.00 26.48 17.64
C GLN A 322 -23.04 25.70 18.95
N CYS A 323 -22.15 24.70 19.05
CA CYS A 323 -22.04 23.71 20.17
C CYS A 323 -21.52 24.37 21.45
N LEU A 324 -20.92 25.56 21.36
CA LEU A 324 -20.57 26.38 22.56
C LEU A 324 -21.85 26.72 23.31
N SER A 325 -22.98 26.79 22.61
CA SER A 325 -24.30 27.15 23.18
C SER A 325 -25.02 25.91 23.70
N ASN A 326 -24.41 24.71 23.65
CA ASN A 326 -25.00 23.46 24.20
C ASN A 326 -25.08 23.61 25.73
N VAL A 327 -26.16 23.13 26.37
CA VAL A 327 -26.36 23.21 27.86
C VAL A 327 -25.21 22.47 28.56
N ASN A 328 -24.84 21.30 28.06
CA ASN A 328 -23.87 20.40 28.74
C ASN A 328 -22.46 21.00 28.61
N THR A 329 -21.87 21.43 29.73
CA THR A 329 -20.55 22.11 29.74
C THR A 329 -19.48 21.20 29.13
N PRO A 330 -19.53 19.86 29.27
CA PRO A 330 -18.51 19.01 28.64
C PRO A 330 -18.43 19.24 27.13
N VAL A 331 -19.60 19.48 26.50
CA VAL A 331 -19.76 19.74 25.04
C VAL A 331 -18.97 21.00 24.76
N LYS A 332 -19.27 22.05 25.55
CA LYS A 332 -18.71 23.43 25.44
C LYS A 332 -17.18 23.37 25.45
N GLU A 333 -16.66 22.63 26.41
CA GLU A 333 -15.21 22.38 26.58
C GLU A 333 -14.65 21.73 25.30
N GLN A 334 -15.27 20.64 24.84
CA GLN A 334 -14.83 19.95 23.60
C GLN A 334 -14.90 20.95 22.44
N ALA A 335 -16.09 21.53 22.24
CA ALA A 335 -16.33 22.66 21.32
C ALA A 335 -15.14 23.61 21.39
N PHE A 336 -14.92 24.21 22.56
CA PHE A 336 -13.82 25.19 22.78
C PHE A 336 -12.50 24.56 22.32
N MET A 337 -12.12 23.41 22.89
CA MET A 337 -10.77 22.81 22.65
C MET A 337 -10.55 22.70 21.15
N LEU A 338 -11.52 22.16 20.41
CA LEU A 338 -11.38 21.95 18.95
C LEU A 338 -11.28 23.30 18.23
N LEU A 339 -12.11 24.28 18.62
CA LEU A 339 -12.06 25.66 18.06
C LEU A 339 -10.61 26.20 18.20
N CYS A 340 -10.04 26.10 19.41
CA CYS A 340 -8.72 26.70 19.76
C CYS A 340 -7.61 25.90 19.08
N ASP A 341 -7.84 24.62 18.80
CA ASP A 341 -6.93 23.78 17.96
C ASP A 341 -7.05 24.23 16.49
N LEU A 342 -8.25 24.10 15.93
CA LEU A 342 -8.53 24.28 14.48
C LEU A 342 -8.13 25.70 14.06
N LEU A 343 -8.57 26.73 14.80
CA LEU A 343 -8.26 28.13 14.44
C LEU A 343 -6.73 28.33 14.38
N MET A 344 -5.97 27.54 15.13
CA MET A 344 -4.48 27.64 15.18
C MET A 344 -3.87 26.90 13.99
N ILE A 345 -4.39 25.71 13.67
CA ILE A 345 -3.92 24.81 12.58
C ILE A 345 -4.18 25.45 11.21
N PHE A 346 -5.38 26.00 11.02
CA PHE A 346 -5.88 26.65 9.78
C PHE A 346 -5.68 28.19 9.86
N SER A 347 -4.69 28.62 10.65
CA SER A 347 -4.08 29.97 10.61
C SER A 347 -3.17 30.08 9.38
N HIS A 348 -2.54 31.25 9.21
CA HIS A 348 -1.55 31.50 8.13
C HIS A 348 -0.26 30.68 8.35
N GLN A 349 -0.08 30.13 9.56
CA GLN A 349 1.03 29.18 9.83
C GLN A 349 1.04 28.11 8.74
N LEU A 350 -0.16 27.69 8.28
CA LEU A 350 -0.36 26.57 7.31
C LEU A 350 0.40 26.84 6.00
N MET A 351 0.87 28.08 5.78
CA MET A 351 1.72 28.48 4.63
C MET A 351 3.15 28.76 5.12
N THR A 352 3.68 27.90 6.00
CA THR A 352 5.13 27.79 6.33
C THR A 352 5.74 26.78 5.36
N GLY A 353 6.93 26.24 5.67
CA GLY A 353 7.65 25.21 4.89
C GLY A 353 7.23 25.17 3.43
N GLY A 354 7.27 26.32 2.74
CA GLY A 354 7.10 26.50 1.28
C GLY A 354 5.72 26.10 0.78
N ARG A 355 4.77 25.83 1.68
CA ARG A 355 3.45 25.19 1.36
C ARG A 355 2.38 26.26 1.09
N GLU A 356 2.68 27.27 0.25
CA GLU A 356 1.76 28.41 -0.01
C GLU A 356 0.65 28.05 -1.02
N GLY A 357 0.51 26.76 -1.35
CA GLY A 357 -0.63 26.25 -2.13
C GLY A 357 -1.88 26.24 -1.29
N LEU A 358 -1.72 26.19 0.03
CA LEU A 358 -2.79 25.90 1.01
C LEU A 358 -3.52 27.18 1.43
N GLN A 359 -3.30 28.31 0.76
CA GLN A 359 -3.97 29.60 1.09
C GLN A 359 -5.48 29.40 1.21
N PRO A 360 -6.18 28.69 0.29
CA PRO A 360 -7.64 28.62 0.33
C PRO A 360 -8.18 27.98 1.61
N LEU A 361 -7.33 27.18 2.29
CA LEU A 361 -7.68 26.42 3.52
C LEU A 361 -7.55 27.30 4.76
N VAL A 362 -7.02 28.53 4.66
CA VAL A 362 -6.77 29.43 5.83
C VAL A 362 -8.10 30.02 6.29
N PHE A 363 -8.25 30.23 7.61
CA PHE A 363 -9.49 30.75 8.25
C PHE A 363 -9.11 31.87 9.23
N ASN A 364 -9.92 32.92 9.23
CA ASN A 364 -9.85 33.99 10.26
C ASN A 364 -11.21 33.98 10.96
N PRO A 365 -11.22 33.82 12.31
CA PRO A 365 -12.47 33.74 13.04
C PRO A 365 -13.14 35.11 13.11
N ASP A 366 -14.38 35.21 12.63
CA ASP A 366 -15.17 36.47 12.59
C ASP A 366 -15.33 36.99 14.03
N THR A 367 -15.94 38.17 14.17
CA THR A 367 -16.12 38.90 15.46
C THR A 367 -16.99 38.03 16.39
N GLY A 368 -18.18 37.64 15.91
CA GLY A 368 -19.19 36.90 16.66
C GLY A 368 -18.62 35.66 17.32
N LEU A 369 -17.73 34.95 16.62
CA LEU A 369 -16.99 33.75 17.10
C LEU A 369 -15.94 34.18 18.14
N GLN A 370 -15.05 35.11 17.79
CA GLN A 370 -14.02 35.68 18.69
C GLN A 370 -14.64 36.07 20.03
N SER A 371 -15.82 36.71 20.00
CA SER A 371 -16.59 37.16 21.19
C SER A 371 -17.09 35.97 22.02
N GLU A 372 -17.46 34.86 21.38
CA GLU A 372 -17.93 33.64 22.08
C GLU A 372 -16.74 32.86 22.63
N LEU A 373 -15.55 33.01 22.04
CA LEU A 373 -14.27 32.44 22.56
C LEU A 373 -13.79 33.28 23.74
N LEU A 374 -14.23 34.54 23.83
CA LEU A 374 -14.00 35.42 25.01
C LEU A 374 -15.02 35.05 26.09
N SER A 375 -16.28 34.83 25.70
CA SER A 375 -17.42 34.38 26.57
C SER A 375 -17.00 33.21 27.44
N PHE A 376 -16.85 32.03 26.83
CA PHE A 376 -16.53 30.73 27.48
C PHE A 376 -15.46 30.92 28.56
N VAL A 377 -14.40 31.68 28.25
CA VAL A 377 -13.24 31.92 29.17
C VAL A 377 -13.78 32.53 30.48
N MET A 378 -14.68 33.51 30.42
CA MET A 378 -15.20 34.24 31.61
C MET A 378 -16.16 33.36 32.40
N ASP A 379 -16.74 32.37 31.71
CA ASP A 379 -17.88 31.55 32.15
C ASP A 379 -17.40 30.16 32.62
N HIS A 380 -16.20 29.72 32.20
CA HIS A 380 -15.78 28.29 32.36
C HIS A 380 -14.27 28.12 32.62
N VAL A 381 -13.42 29.13 32.41
CA VAL A 381 -12.02 29.11 32.92
C VAL A 381 -12.01 29.79 34.29
N PHE A 382 -12.62 30.98 34.40
CA PHE A 382 -12.62 31.86 35.60
C PHE A 382 -13.96 31.75 36.33
N ILE A 383 -14.02 30.78 37.25
CA ILE A 383 -15.26 30.32 37.94
C ILE A 383 -15.10 30.46 39.46
N ASP A 384 -16.22 30.76 40.15
CA ASP A 384 -16.32 31.11 41.59
C ASP A 384 -16.01 29.86 42.44
N GLN A 385 -16.76 28.78 42.20
CA GLN A 385 -16.57 27.43 42.80
C GLN A 385 -17.39 26.43 41.98
N GLU A 399 -12.47 15.55 46.11
CA GLU A 399 -11.09 16.09 46.32
C GLU A 399 -10.33 16.03 44.99
N ALA A 400 -9.78 14.86 44.64
CA ALA A 400 -8.81 14.67 43.53
C ALA A 400 -9.49 15.01 42.20
N ASN A 401 -10.82 15.18 42.22
CA ASN A 401 -11.65 15.60 41.04
C ASN A 401 -11.43 17.08 40.73
N LYS A 402 -10.96 17.88 41.70
CA LYS A 402 -10.78 19.35 41.53
C LYS A 402 -9.36 19.64 41.03
N ILE A 403 -8.32 18.94 41.51
CA ILE A 403 -6.92 19.17 41.03
C ILE A 403 -6.84 18.74 39.56
N GLU A 404 -7.70 17.78 39.15
CA GLU A 404 -7.81 17.28 37.75
C GLU A 404 -8.68 18.23 36.93
N ALA A 405 -9.71 18.81 37.53
CA ALA A 405 -10.57 19.84 36.91
C ALA A 405 -9.77 21.12 36.60
N LEU A 406 -8.95 21.59 37.56
CA LEU A 406 -8.11 22.82 37.45
C LEU A 406 -7.12 22.69 36.29
N HIS A 407 -6.46 21.54 36.12
CA HIS A 407 -5.42 21.36 35.08
C HIS A 407 -6.05 21.49 33.70
N LYS A 408 -7.36 21.24 33.58
CA LYS A 408 -8.12 21.26 32.28
C LYS A 408 -8.43 22.71 31.88
N ARG A 409 -9.15 23.44 32.74
CA ARG A 409 -9.37 24.90 32.57
C ARG A 409 -8.02 25.54 32.26
N ARG A 410 -6.94 25.05 32.90
CA ARG A 410 -5.56 25.54 32.66
C ARG A 410 -5.24 25.29 31.19
N ASN A 411 -5.53 24.09 30.66
CA ASN A 411 -5.23 23.72 29.25
C ASN A 411 -6.12 24.54 28.32
N LEU A 412 -7.42 24.60 28.60
CA LEU A 412 -8.40 25.44 27.85
C LEU A 412 -7.87 26.88 27.75
N LEU A 413 -7.23 27.40 28.81
CA LEU A 413 -6.68 28.78 28.80
C LEU A 413 -5.38 28.83 28.00
N ALA A 414 -4.48 27.86 28.19
CA ALA A 414 -3.19 27.81 27.48
C ALA A 414 -3.46 27.66 25.98
N ALA A 415 -4.47 26.89 25.62
CA ALA A 415 -4.91 26.72 24.23
C ALA A 415 -5.53 28.03 23.74
N PHE A 416 -6.17 28.78 24.62
CA PHE A 416 -6.72 30.12 24.28
C PHE A 416 -5.58 31.13 24.21
N SER A 417 -4.55 30.97 25.05
CA SER A 417 -3.34 31.85 25.10
C SER A 417 -2.71 31.92 23.72
N LYS A 418 -2.53 30.77 23.07
CA LYS A 418 -1.90 30.67 21.74
C LYS A 418 -2.65 31.57 20.74
N LEU A 419 -3.98 31.65 20.82
CA LEU A 419 -4.78 32.44 19.85
C LEU A 419 -4.51 33.94 20.08
N ILE A 420 -4.25 34.33 21.32
CA ILE A 420 -4.04 35.76 21.73
C ILE A 420 -2.69 36.24 21.20
N ILE A 421 -1.64 35.44 21.39
CA ILE A 421 -0.22 35.77 21.06
C ILE A 421 -0.13 36.08 19.56
N TYR A 422 -0.78 35.28 18.71
CA TYR A 422 -0.75 35.41 17.24
C TYR A 422 -2.03 36.09 16.71
N ASP A 423 -2.67 36.92 17.54
CA ASP A 423 -3.66 37.95 17.12
C ASP A 423 -4.78 37.30 16.28
N ILE A 424 -5.19 36.09 16.63
CA ILE A 424 -6.32 35.36 15.98
C ILE A 424 -7.64 35.76 16.66
N VAL A 425 -7.63 36.09 17.96
CA VAL A 425 -8.70 36.88 18.65
C VAL A 425 -8.10 38.25 18.98
N ASP A 426 -8.95 39.27 19.09
CA ASP A 426 -8.55 40.64 19.53
C ASP A 426 -7.64 40.48 20.76
N MET A 427 -6.37 40.88 20.70
CA MET A 427 -5.43 40.65 21.85
C MET A 427 -5.73 41.64 22.99
N HIS A 428 -6.53 42.69 22.76
CA HIS A 428 -6.85 43.75 23.78
C HIS A 428 -8.11 43.36 24.58
N ALA A 429 -9.14 42.83 23.93
CA ALA A 429 -10.37 42.29 24.60
C ALA A 429 -9.97 41.18 25.58
N ALA A 430 -9.05 40.31 25.17
CA ALA A 430 -8.46 39.26 26.02
C ALA A 430 -7.90 39.93 27.28
N ALA A 431 -6.88 40.78 27.10
CA ALA A 431 -6.07 41.44 28.15
C ALA A 431 -6.96 42.05 29.25
N ASP A 432 -8.11 42.60 28.84
CA ASP A 432 -9.08 43.33 29.71
C ASP A 432 -9.80 42.32 30.61
N ILE A 433 -9.96 41.08 30.16
CA ILE A 433 -10.54 39.97 30.99
C ILE A 433 -9.45 39.53 31.99
N PHE A 434 -8.20 39.48 31.55
CA PHE A 434 -7.02 39.07 32.37
C PHE A 434 -6.72 40.18 33.39
N LYS A 435 -6.91 41.44 33.01
CA LYS A 435 -6.95 42.59 33.94
C LYS A 435 -8.00 42.31 35.03
N HIS A 436 -9.27 42.11 34.63
CA HIS A 436 -10.48 42.05 35.50
C HIS A 436 -10.28 41.02 36.61
N TYR A 437 -9.75 39.84 36.24
CA TYR A 437 -9.69 38.65 37.13
C TYR A 437 -8.39 38.70 37.95
N MET A 438 -7.35 39.40 37.50
CA MET A 438 -6.09 39.60 38.26
C MET A 438 -6.21 40.83 39.16
N LYS A 439 -7.39 41.46 39.25
CA LYS A 439 -7.58 42.77 39.91
C LYS A 439 -6.93 42.72 41.29
N TYR A 440 -7.33 41.74 42.11
CA TYR A 440 -6.90 41.64 43.53
C TYR A 440 -5.40 41.33 43.64
N TYR A 441 -4.77 40.72 42.63
CA TYR A 441 -3.30 40.54 42.65
C TYR A 441 -2.66 41.92 42.48
N ASN A 442 -3.20 42.73 41.57
CA ASN A 442 -2.64 44.05 41.21
C ASN A 442 -2.99 45.08 42.29
N ASP A 443 -4.07 44.85 43.06
CA ASP A 443 -4.61 45.83 44.04
C ASP A 443 -3.99 45.60 45.43
N TYR A 444 -3.76 44.35 45.86
CA TYR A 444 -3.39 44.00 47.27
C TYR A 444 -2.28 42.93 47.34
N GLY A 445 -1.55 42.68 46.25
CA GLY A 445 -0.58 41.56 46.16
C GLY A 445 0.71 41.88 46.91
N ASP A 446 1.26 43.08 46.73
CA ASP A 446 2.55 43.48 47.35
C ASP A 446 2.42 43.35 48.87
N ILE A 447 1.20 43.55 49.40
CA ILE A 447 0.88 43.58 50.86
C ILE A 447 0.68 42.15 51.40
N ILE A 448 0.37 41.23 50.47
CA ILE A 448 0.47 39.76 50.61
C ILE A 448 1.96 39.34 50.57
N LYS A 449 2.77 39.97 49.70
CA LYS A 449 4.24 39.69 49.57
C LYS A 449 4.89 39.72 50.95
N GLU A 450 4.75 40.84 51.69
CA GLU A 450 5.33 41.02 53.05
C GLU A 450 5.05 39.76 53.86
N THR A 451 3.77 39.45 54.04
CA THR A 451 3.21 38.33 54.84
C THR A 451 4.09 37.08 54.72
N LEU A 452 4.36 36.59 53.50
CA LEU A 452 5.17 35.35 53.25
C LEU A 452 6.66 35.70 53.21
N SER A 453 7.13 36.53 54.14
CA SER A 453 8.57 36.73 54.46
C SER A 453 8.76 37.18 55.91
N LYS A 454 7.70 37.09 56.75
CA LYS A 454 7.66 37.63 58.14
C LYS A 454 6.94 36.68 59.09
N THR A 455 6.64 35.45 58.68
CA THR A 455 5.76 34.51 59.43
C THR A 455 6.40 33.12 59.47
N PRO B 4 13.01 27.74 -11.81
CA PRO B 4 14.20 28.43 -12.39
C PRO B 4 14.34 28.22 -13.92
N ASN B 5 14.07 26.98 -14.37
CA ASN B 5 14.16 26.51 -15.77
C ASN B 5 12.76 26.33 -16.37
N GLY B 6 11.71 26.55 -15.58
CA GLY B 6 10.30 26.30 -15.96
C GLY B 6 10.05 26.59 -17.45
N ASN B 7 10.54 27.74 -17.93
CA ASN B 7 10.31 28.22 -19.32
C ASN B 7 11.13 27.39 -20.32
N LEU B 8 12.46 27.39 -20.18
CA LEU B 8 13.45 26.74 -21.09
C LEU B 8 12.90 25.40 -21.58
N ILE B 9 12.42 24.58 -20.64
CA ILE B 9 11.88 23.21 -20.88
C ILE B 9 10.59 23.32 -21.72
N ARG B 10 9.67 24.22 -21.35
CA ARG B 10 8.37 24.29 -22.07
C ARG B 10 8.64 24.62 -23.54
N MET B 11 9.75 25.32 -23.83
CA MET B 11 10.18 25.69 -25.21
C MET B 11 10.82 24.48 -25.88
N LEU B 12 11.79 23.86 -25.20
CA LEU B 12 12.39 22.58 -25.64
C LEU B 12 11.25 21.69 -26.15
N VAL B 13 10.15 21.60 -25.39
CA VAL B 13 8.95 20.83 -25.80
C VAL B 13 8.50 21.32 -27.18
N LEU B 14 8.30 22.64 -27.35
CA LEU B 14 7.81 23.26 -28.62
C LEU B 14 8.79 23.01 -29.76
N PHE B 15 10.07 23.34 -29.52
CA PHE B 15 11.20 23.18 -30.48
C PHE B 15 11.25 21.73 -30.99
N PHE B 16 10.62 20.79 -30.27
CA PHE B 16 10.69 19.33 -30.55
C PHE B 16 9.51 18.83 -31.41
N LEU B 17 8.28 19.37 -31.26
CA LEU B 17 7.13 18.79 -32.04
C LEU B 17 6.62 19.75 -33.12
N GLU B 18 7.15 20.98 -33.21
CA GLU B 18 6.98 21.81 -34.44
C GLU B 18 8.28 21.78 -35.25
N SER B 19 9.25 20.94 -34.85
CA SER B 19 10.28 20.38 -35.77
C SER B 19 9.63 19.32 -36.67
N GLU B 20 8.52 18.73 -36.22
CA GLU B 20 7.75 17.67 -36.94
C GLU B 20 8.73 16.54 -37.33
N LEU B 21 9.58 16.11 -36.37
CA LEU B 21 10.52 14.96 -36.47
C LEU B 21 10.32 14.02 -35.27
N HIS B 22 9.07 13.76 -34.88
CA HIS B 22 8.68 13.13 -33.59
C HIS B 22 9.34 11.76 -33.39
N GLU B 23 10.08 11.26 -34.38
CA GLU B 23 10.87 10.00 -34.27
C GLU B 23 12.18 10.28 -33.54
N HIS B 24 12.53 11.55 -33.31
CA HIS B 24 13.92 11.98 -32.97
C HIS B 24 14.09 12.29 -31.49
N ALA B 25 13.08 12.01 -30.65
CA ALA B 25 13.08 12.39 -29.21
C ALA B 25 14.46 12.12 -28.62
N ALA B 26 14.92 10.87 -28.70
CA ALA B 26 16.23 10.43 -28.18
C ALA B 26 17.34 11.19 -28.93
N TYR B 27 17.22 11.29 -30.25
CA TYR B 27 18.23 11.93 -31.14
C TYR B 27 18.51 13.34 -30.60
N LEU B 28 17.43 14.09 -30.35
CA LEU B 28 17.46 15.48 -29.84
C LEU B 28 18.22 15.51 -28.52
N VAL B 29 17.73 14.80 -27.51
CA VAL B 29 18.32 14.76 -26.13
C VAL B 29 19.82 14.49 -26.23
N ASP B 30 20.25 13.59 -27.12
CA ASP B 30 21.68 13.23 -27.32
C ASP B 30 22.42 14.38 -28.03
N SER B 31 21.83 14.96 -29.08
CA SER B 31 22.49 16.05 -29.85
C SER B 31 22.63 17.30 -28.98
N LEU B 32 21.98 17.35 -27.82
CA LEU B 32 21.98 18.50 -26.88
C LEU B 32 22.82 18.20 -25.64
N TRP B 33 23.23 16.96 -25.44
CA TRP B 33 23.77 16.48 -24.14
C TRP B 33 25.13 17.15 -23.85
N GLU B 34 26.03 17.29 -24.83
CA GLU B 34 27.39 17.88 -24.62
C GLU B 34 27.28 19.26 -23.94
N SER B 35 26.30 20.07 -24.34
CA SER B 35 26.09 21.47 -23.85
C SER B 35 25.18 21.49 -22.61
N SER B 36 23.90 21.14 -22.77
CA SER B 36 22.79 21.49 -21.84
C SER B 36 22.30 20.30 -20.99
N GLN B 37 23.22 19.45 -20.49
CA GLN B 37 22.81 18.27 -19.68
C GLN B 37 22.28 18.74 -18.32
N GLU B 38 22.92 19.72 -17.67
CA GLU B 38 22.48 20.28 -16.36
C GLU B 38 20.95 20.52 -16.40
N LEU B 39 20.42 21.12 -17.48
CA LEU B 39 18.98 21.50 -17.66
C LEU B 39 18.18 20.24 -18.00
N LEU B 40 18.77 19.34 -18.78
CA LEU B 40 18.11 18.10 -19.27
C LEU B 40 17.91 17.12 -18.10
N LYS B 41 18.65 17.27 -17.00
CA LYS B 41 18.56 16.43 -15.78
C LYS B 41 17.71 17.10 -14.68
N ASP B 42 17.28 18.36 -14.84
CA ASP B 42 16.36 19.03 -13.87
C ASP B 42 15.01 18.31 -13.95
N TRP B 43 14.95 17.09 -13.43
CA TRP B 43 13.77 16.18 -13.42
C TRP B 43 12.67 16.76 -12.51
N GLU B 44 13.06 17.37 -11.38
CA GLU B 44 12.14 18.00 -10.40
C GLU B 44 11.26 19.00 -11.15
N CYS B 45 11.89 19.88 -11.92
CA CYS B 45 11.20 20.86 -12.79
C CYS B 45 10.14 20.12 -13.59
N MET B 46 10.55 19.05 -14.29
CA MET B 46 9.70 18.34 -15.29
C MET B 46 8.47 17.72 -14.60
N THR B 47 8.63 17.12 -13.41
CA THR B 47 7.51 16.49 -12.66
C THR B 47 6.57 17.61 -12.19
N GLU B 48 7.17 18.69 -11.65
CA GLU B 48 6.47 19.96 -11.32
C GLU B 48 5.61 20.36 -12.53
N LEU B 49 6.20 20.47 -13.72
CA LEU B 49 5.50 20.93 -14.95
C LEU B 49 4.30 20.03 -15.25
N LEU B 50 4.38 18.73 -14.94
CA LEU B 50 3.39 17.71 -15.38
C LEU B 50 2.27 17.58 -14.33
N LEU B 51 2.60 17.72 -13.04
CA LEU B 51 1.71 17.35 -11.91
C LEU B 51 0.82 18.53 -11.47
N GLU B 52 1.25 19.78 -11.71
CA GLU B 52 0.72 21.00 -11.02
C GLU B 52 0.27 22.06 -12.03
N GLU B 53 -0.16 23.22 -11.53
CA GLU B 53 -0.58 24.42 -12.32
C GLU B 53 0.18 25.63 -11.77
N ALA B 60 -1.24 26.82 -19.62
CA ALA B 60 -2.04 25.56 -19.69
C ALA B 60 -1.53 24.67 -20.83
N MET B 61 -0.62 23.73 -20.54
CA MET B 61 0.03 22.81 -21.53
C MET B 61 -1.02 22.07 -22.35
N SER B 62 -0.79 21.87 -23.65
CA SER B 62 -1.71 21.08 -24.51
C SER B 62 -1.57 19.59 -24.17
N ASP B 63 -2.49 18.76 -24.67
CA ASP B 63 -2.47 17.28 -24.52
C ASP B 63 -1.14 16.80 -25.11
N ARG B 64 -0.99 16.94 -26.43
CA ARG B 64 0.21 16.51 -27.20
C ARG B 64 1.50 17.11 -26.59
N GLN B 65 1.40 18.21 -25.83
CA GLN B 65 2.58 18.88 -25.21
C GLN B 65 3.01 18.07 -23.99
N GLU B 66 2.07 17.46 -23.27
CA GLU B 66 2.36 16.63 -22.06
C GLU B 66 2.97 15.30 -22.49
N SER B 67 2.28 14.59 -23.41
CA SER B 67 2.86 13.47 -24.17
C SER B 67 4.34 13.77 -24.48
N ALA B 68 4.59 14.86 -25.19
CA ALA B 68 5.93 15.26 -25.69
C ALA B 68 6.91 15.45 -24.53
N LEU B 69 6.48 16.08 -23.43
CA LEU B 69 7.34 16.25 -22.22
C LEU B 69 7.72 14.86 -21.68
N ILE B 70 6.73 14.01 -21.42
CA ILE B 70 6.92 12.63 -20.87
C ILE B 70 8.02 11.90 -21.68
N GLU B 71 7.90 11.85 -23.02
CA GLU B 71 8.84 11.11 -23.90
C GLU B 71 10.25 11.69 -23.74
N LEU B 72 10.38 13.01 -23.71
CA LEU B 72 11.69 13.70 -23.56
C LEU B 72 12.25 13.43 -22.16
N MET B 73 11.39 13.38 -21.14
CA MET B 73 11.80 13.08 -19.75
C MET B 73 12.43 11.68 -19.73
N VAL B 74 11.71 10.67 -20.20
CA VAL B 74 12.19 9.26 -20.27
C VAL B 74 13.55 9.25 -20.97
N CYS B 75 13.69 9.91 -22.13
CA CYS B 75 14.92 9.87 -22.97
C CYS B 75 16.09 10.44 -22.19
N THR B 76 15.82 11.34 -21.23
CA THR B 76 16.83 12.03 -20.38
C THR B 76 17.32 11.07 -19.32
N ILE B 77 16.37 10.42 -18.66
CA ILE B 77 16.60 9.34 -17.66
C ILE B 77 17.57 8.32 -18.27
N ARG B 78 17.27 7.80 -19.46
CA ARG B 78 18.19 6.87 -20.17
C ARG B 78 19.56 7.56 -20.27
N GLN B 79 19.72 8.56 -21.13
CA GLN B 79 21.07 9.10 -21.47
C GLN B 79 21.87 9.14 -20.16
N ALA B 80 21.24 9.63 -19.10
CA ALA B 80 21.83 9.77 -17.74
C ALA B 80 22.40 8.41 -17.30
N ALA B 81 21.53 7.43 -17.06
CA ALA B 81 21.84 6.12 -16.44
C ALA B 81 22.95 5.38 -17.22
N GLU B 82 22.70 5.10 -18.50
CA GLU B 82 23.57 4.28 -19.40
C GLU B 82 24.83 5.08 -19.80
N ALA B 83 24.74 6.42 -19.86
CA ALA B 83 25.87 7.35 -20.07
C ALA B 83 26.59 7.06 -21.39
N HIS B 84 25.83 6.79 -22.45
CA HIS B 84 26.34 6.69 -23.84
C HIS B 84 25.21 7.14 -24.78
N PRO B 85 25.51 7.51 -26.05
CA PRO B 85 24.47 7.80 -27.05
C PRO B 85 23.42 6.70 -27.18
N PRO B 86 22.19 7.00 -27.68
CA PRO B 86 21.16 5.97 -27.86
C PRO B 86 21.41 5.16 -29.13
N VAL B 87 20.53 4.18 -29.39
CA VAL B 87 20.63 3.25 -30.56
C VAL B 87 20.90 4.06 -31.85
N GLY B 88 22.05 3.79 -32.50
CA GLY B 88 22.45 4.34 -33.80
C GLY B 88 23.11 5.69 -33.68
N ARG B 89 24.14 5.81 -32.83
CA ARG B 89 24.96 7.06 -32.65
C ARG B 89 26.39 6.73 -32.18
N GLY B 90 26.64 5.56 -31.57
CA GLY B 90 27.94 5.21 -30.94
C GLY B 90 28.97 4.80 -31.96
N VAL B 95 34.91 4.97 -23.65
CA VAL B 95 36.12 4.86 -22.76
C VAL B 95 36.04 5.97 -21.69
N LEU B 96 35.39 5.67 -20.54
CA LEU B 96 34.96 6.62 -19.47
C LEU B 96 36.14 7.19 -18.68
N THR B 97 36.04 8.47 -18.27
CA THR B 97 37.13 9.29 -17.68
C THR B 97 37.46 8.85 -16.25
N ALA B 98 36.49 8.30 -15.51
CA ALA B 98 36.47 8.15 -14.03
C ALA B 98 35.78 9.38 -13.42
N LYS B 99 35.85 10.53 -14.10
CA LYS B 99 35.00 11.74 -13.85
C LYS B 99 33.60 11.50 -14.44
N GLU B 100 33.52 11.10 -15.71
CA GLU B 100 32.23 10.73 -16.37
C GLU B 100 31.64 9.52 -15.64
N ARG B 101 32.48 8.50 -15.41
CA ARG B 101 32.16 7.30 -14.59
C ARG B 101 31.56 7.75 -13.24
N LYS B 102 32.16 8.76 -12.61
CA LYS B 102 31.61 9.41 -11.39
C LYS B 102 30.20 9.91 -11.70
N THR B 103 30.06 11.06 -12.38
CA THR B 103 28.78 11.83 -12.56
C THR B 103 27.61 10.90 -12.90
N GLN B 104 27.88 9.84 -13.67
CA GLN B 104 26.89 8.78 -14.05
C GLN B 104 26.30 8.11 -12.80
N ILE B 105 27.17 7.70 -11.88
CA ILE B 105 26.81 7.03 -10.59
C ILE B 105 25.86 7.99 -9.86
N ASP B 106 26.25 9.27 -9.80
CA ASP B 106 25.58 10.36 -9.05
C ASP B 106 24.15 10.53 -9.58
N ASP B 107 23.99 10.52 -10.91
CA ASP B 107 22.71 10.71 -11.63
C ASP B 107 21.73 9.59 -11.24
N ARG B 108 22.15 8.34 -11.47
CA ARG B 108 21.36 7.11 -11.18
C ARG B 108 20.67 7.32 -9.83
N ASN B 109 21.43 7.70 -8.80
CA ASN B 109 20.94 7.94 -7.42
C ASN B 109 19.85 9.00 -7.47
N LYS B 110 20.19 10.17 -8.01
CA LYS B 110 19.31 11.35 -8.08
C LYS B 110 17.95 10.93 -8.62
N LEU B 111 17.97 10.31 -9.81
CA LEU B 111 16.74 10.02 -10.60
C LEU B 111 15.90 9.02 -9.80
N THR B 112 16.53 7.94 -9.35
CA THR B 112 15.86 6.85 -8.57
C THR B 112 15.08 7.53 -7.46
N GLU B 113 15.80 8.28 -6.61
CA GLU B 113 15.23 8.98 -5.43
C GLU B 113 13.99 9.73 -5.90
N HIS B 114 14.18 10.61 -6.91
CA HIS B 114 13.13 11.55 -7.36
C HIS B 114 11.89 10.77 -7.81
N PHE B 115 12.08 9.88 -8.79
CA PHE B 115 10.98 9.26 -9.57
C PHE B 115 10.21 8.29 -8.67
N ILE B 116 10.95 7.47 -7.92
CA ILE B 116 10.36 6.55 -6.92
C ILE B 116 9.16 7.27 -6.29
N ILE B 117 9.35 8.53 -5.92
CA ILE B 117 8.31 9.35 -5.22
C ILE B 117 7.25 9.80 -6.23
N THR B 118 7.70 10.40 -7.34
CA THR B 118 6.89 11.22 -8.28
C THR B 118 6.21 10.33 -9.33
N LEU B 119 6.83 9.19 -9.70
CA LEU B 119 6.33 8.25 -10.75
C LEU B 119 4.98 7.68 -10.32
N PRO B 120 4.84 7.16 -9.09
CA PRO B 120 3.53 6.69 -8.63
C PRO B 120 2.42 7.74 -8.93
N MET B 121 2.77 9.03 -8.82
CA MET B 121 1.83 10.17 -8.99
C MET B 121 1.59 10.42 -10.50
N LEU B 122 2.66 10.53 -11.27
CA LEU B 122 2.62 10.71 -12.76
C LEU B 122 1.60 9.74 -13.35
N LEU B 123 1.76 8.46 -13.04
CA LEU B 123 0.88 7.32 -13.46
C LEU B 123 -0.54 7.60 -13.01
N SER B 124 -0.68 8.07 -11.77
CA SER B 124 -1.95 8.48 -11.12
C SER B 124 -2.67 9.48 -12.04
N LYS B 125 -1.96 10.53 -12.47
CA LYS B 125 -2.55 11.63 -13.28
C LYS B 125 -3.04 11.08 -14.62
N TYR B 126 -2.16 10.47 -15.42
CA TYR B 126 -2.41 10.18 -16.85
C TYR B 126 -2.96 8.75 -17.01
N SER B 127 -3.47 8.16 -15.93
CA SER B 127 -3.82 6.72 -15.84
C SER B 127 -4.68 6.30 -17.04
N ALA B 128 -5.68 7.09 -17.43
CA ALA B 128 -6.63 6.77 -18.53
C ALA B 128 -5.92 6.77 -19.89
N ASP B 129 -4.72 7.37 -20.01
CA ASP B 129 -4.03 7.60 -21.31
C ASP B 129 -3.09 6.44 -21.63
N ALA B 130 -3.45 5.65 -22.65
CA ALA B 130 -2.73 4.44 -23.10
C ALA B 130 -1.22 4.74 -23.19
N GLU B 131 -0.81 5.44 -24.24
CA GLU B 131 0.61 5.56 -24.68
C GLU B 131 1.41 6.47 -23.72
N LYS B 132 0.74 7.26 -22.87
CA LYS B 132 1.44 8.14 -21.88
C LYS B 132 1.94 7.26 -20.73
N VAL B 133 1.07 6.39 -20.24
CA VAL B 133 1.35 5.38 -19.17
C VAL B 133 2.48 4.47 -19.66
N ALA B 134 2.26 3.78 -20.80
CA ALA B 134 3.28 2.96 -21.50
C ALA B 134 4.64 3.61 -21.30
N ASN B 135 4.77 4.86 -21.74
CA ASN B 135 6.03 5.63 -21.85
C ASN B 135 6.58 5.90 -20.44
N LEU B 136 5.68 6.16 -19.48
CA LEU B 136 6.03 6.34 -18.06
C LEU B 136 6.69 5.06 -17.54
N LEU B 137 6.10 3.91 -17.84
CA LEU B 137 6.48 2.58 -17.28
C LEU B 137 7.83 2.14 -17.83
N GLN B 138 8.43 2.90 -18.76
CA GLN B 138 9.82 2.64 -19.22
C GLN B 138 10.81 3.11 -18.16
N ILE B 139 10.35 3.78 -17.10
CA ILE B 139 11.21 4.52 -16.13
C ILE B 139 11.91 3.53 -15.18
N PRO B 140 11.13 2.68 -14.44
CA PRO B 140 11.69 1.79 -13.40
C PRO B 140 12.94 0.94 -13.72
N GLN B 141 13.10 0.52 -14.97
CA GLN B 141 14.26 -0.27 -15.44
C GLN B 141 15.59 0.46 -15.20
N TYR B 142 15.60 1.79 -15.01
CA TYR B 142 16.85 2.59 -14.88
C TYR B 142 17.22 2.79 -13.41
N PHE B 143 16.25 2.57 -12.50
CA PHE B 143 16.41 2.58 -11.02
C PHE B 143 17.64 1.75 -10.60
N ASP B 144 18.42 2.22 -9.62
CA ASP B 144 19.27 1.34 -8.76
C ASP B 144 18.37 0.82 -7.62
N LEU B 145 17.78 -0.37 -7.76
CA LEU B 145 16.61 -0.79 -6.93
C LEU B 145 17.00 -0.91 -5.45
N GLU B 146 18.31 -0.97 -5.15
CA GLU B 146 18.87 -0.92 -3.77
C GLU B 146 18.22 0.21 -2.98
N ILE B 147 18.06 1.38 -3.60
CA ILE B 147 17.62 2.68 -3.01
C ILE B 147 16.15 2.60 -2.54
N TYR B 148 15.48 1.45 -2.75
CA TYR B 148 14.17 1.15 -2.13
C TYR B 148 14.46 0.75 -0.69
N SER B 149 15.49 -0.10 -0.54
CA SER B 149 16.04 -0.66 0.72
C SER B 149 16.95 0.37 1.42
N THR B 150 18.12 0.63 0.84
CA THR B 150 19.27 1.37 1.46
C THR B 150 18.91 2.87 1.62
N GLY B 151 17.65 3.25 1.39
CA GLY B 151 17.10 4.57 1.74
C GLY B 151 15.71 4.52 2.38
N ARG B 152 15.24 3.35 2.80
CA ARG B 152 13.88 3.14 3.36
C ARG B 152 12.87 4.01 2.60
N MET B 153 12.56 3.60 1.36
CA MET B 153 11.47 4.17 0.52
C MET B 153 10.54 3.03 0.15
N GLU B 154 10.00 2.36 1.18
CA GLU B 154 8.98 1.29 1.09
C GLU B 154 7.60 1.93 0.96
N LYS B 155 7.42 3.11 1.54
CA LYS B 155 6.19 3.92 1.43
C LYS B 155 5.77 3.97 -0.04
N HIS B 156 6.73 4.24 -0.95
CA HIS B 156 6.47 4.69 -2.35
C HIS B 156 6.38 3.50 -3.32
N LEU B 157 7.02 2.36 -3.00
CA LEU B 157 6.86 1.09 -3.75
C LEU B 157 5.40 0.61 -3.60
N ASP B 158 4.81 0.76 -2.41
CA ASP B 158 3.40 0.34 -2.15
C ASP B 158 2.44 1.26 -2.94
N ALA B 159 2.87 2.49 -3.25
CA ALA B 159 2.09 3.49 -4.02
C ALA B 159 2.17 3.19 -5.52
N LEU B 160 3.34 2.74 -6.00
CA LEU B 160 3.58 2.30 -7.41
C LEU B 160 2.63 1.13 -7.73
N LEU B 161 2.71 0.07 -6.91
CA LEU B 161 2.00 -1.23 -7.13
C LEU B 161 0.49 -0.99 -7.04
N LYS B 162 0.04 -0.28 -6.01
CA LYS B 162 -1.37 0.17 -5.89
C LYS B 162 -1.84 0.76 -7.24
N GLN B 163 -0.93 1.43 -7.97
CA GLN B 163 -1.24 2.27 -9.17
C GLN B 163 -1.27 1.41 -10.44
N ILE B 164 -0.27 0.55 -10.62
CA ILE B 164 -0.18 -0.44 -11.74
C ILE B 164 -1.48 -1.26 -11.79
N LYS B 165 -1.99 -1.62 -10.60
CA LYS B 165 -3.24 -2.40 -10.39
C LYS B 165 -4.44 -1.66 -11.00
N PHE B 166 -4.58 -0.35 -10.73
CA PHE B 166 -5.70 0.48 -11.25
C PHE B 166 -5.53 0.63 -12.77
N VAL B 167 -4.28 0.76 -13.26
CA VAL B 167 -3.95 0.95 -14.70
C VAL B 167 -4.46 -0.25 -15.48
N VAL B 168 -3.91 -1.41 -15.15
CA VAL B 168 -4.03 -2.68 -15.92
C VAL B 168 -5.46 -3.25 -15.77
N GLU B 169 -6.17 -2.90 -14.69
CA GLU B 169 -7.63 -3.18 -14.52
C GLU B 169 -8.41 -2.49 -15.65
N LYS B 170 -7.96 -1.31 -16.07
CA LYS B 170 -8.74 -0.34 -16.89
C LYS B 170 -8.34 -0.43 -18.38
N HIS B 171 -7.23 -1.09 -18.71
CA HIS B 171 -6.63 -1.04 -20.07
C HIS B 171 -6.65 -2.42 -20.74
N VAL B 172 -6.81 -2.42 -22.07
CA VAL B 172 -6.90 -3.62 -22.94
C VAL B 172 -5.78 -3.52 -23.99
N GLU B 173 -5.27 -2.31 -24.26
CA GLU B 173 -4.29 -2.05 -25.35
C GLU B 173 -3.01 -2.81 -25.01
N SER B 174 -2.53 -3.61 -25.96
CA SER B 174 -1.43 -4.60 -25.80
C SER B 174 -0.14 -3.94 -25.29
N ASP B 175 0.05 -2.63 -25.50
CA ASP B 175 1.28 -1.92 -25.11
C ASP B 175 1.25 -1.56 -23.62
N VAL B 176 0.08 -1.17 -23.11
CA VAL B 176 -0.09 -0.78 -21.67
C VAL B 176 0.15 -2.01 -20.80
N LEU B 177 -0.40 -3.15 -21.22
CA LEU B 177 -0.34 -4.43 -20.48
C LEU B 177 1.11 -4.90 -20.50
N GLU B 178 1.74 -4.93 -21.68
CA GLU B 178 3.14 -5.44 -21.84
C GLU B 178 4.05 -4.64 -20.90
N ALA B 179 3.93 -3.32 -20.92
CA ALA B 179 4.77 -2.41 -20.10
C ALA B 179 4.51 -2.63 -18.60
N CYS B 180 3.31 -3.06 -18.18
CA CYS B 180 3.00 -3.42 -16.76
C CYS B 180 3.68 -4.75 -16.38
N SER B 181 3.33 -5.83 -17.07
CA SER B 181 3.94 -7.18 -16.95
C SER B 181 5.47 -7.08 -16.89
N LYS B 182 6.07 -6.27 -17.77
CA LYS B 182 7.54 -6.04 -17.86
C LYS B 182 8.07 -5.29 -16.62
N THR B 183 7.26 -4.42 -15.99
CA THR B 183 7.71 -3.51 -14.89
C THR B 183 7.81 -4.33 -13.60
N TYR B 184 6.75 -5.10 -13.30
CA TYR B 184 6.69 -6.20 -12.30
C TYR B 184 7.86 -7.20 -12.47
N SER B 185 8.29 -7.42 -13.71
CA SER B 185 9.37 -8.37 -14.10
C SER B 185 10.73 -7.87 -13.59
N ILE B 186 10.90 -6.56 -13.38
CA ILE B 186 12.15 -5.91 -12.85
C ILE B 186 12.06 -5.83 -11.32
N LEU B 187 10.87 -5.49 -10.78
CA LEU B 187 10.57 -5.37 -9.32
C LEU B 187 10.76 -6.72 -8.61
N CYS B 188 10.19 -7.81 -9.13
CA CYS B 188 10.53 -9.21 -8.76
C CYS B 188 12.00 -9.44 -9.11
N SER B 189 12.87 -8.62 -8.50
CA SER B 189 14.33 -8.54 -8.77
C SER B 189 15.01 -9.84 -8.35
N GLU B 190 14.52 -10.41 -7.23
CA GLU B 190 14.96 -11.69 -6.59
C GLU B 190 16.29 -11.46 -5.86
N GLU B 191 16.52 -10.23 -5.40
CA GLU B 191 17.58 -9.84 -4.44
C GLU B 191 16.90 -9.22 -3.22
N TYR B 192 16.32 -8.03 -3.40
CA TYR B 192 16.24 -6.96 -2.37
C TYR B 192 14.98 -7.16 -1.51
N THR B 193 15.08 -6.79 -0.21
CA THR B 193 14.09 -7.02 0.89
C THR B 193 12.67 -6.72 0.43
N ILE B 194 12.52 -5.83 -0.57
CA ILE B 194 11.25 -5.49 -1.29
C ILE B 194 10.62 -6.75 -1.87
N GLN B 195 11.42 -7.58 -2.57
CA GLN B 195 10.94 -8.66 -3.48
C GLN B 195 9.73 -9.35 -2.87
N ASN B 196 9.84 -9.79 -1.61
CA ASN B 196 8.77 -10.49 -0.87
C ASN B 196 7.46 -9.68 -0.86
N ARG B 197 7.55 -8.34 -0.94
CA ARG B 197 6.40 -7.38 -0.84
C ARG B 197 5.70 -7.26 -2.19
N VAL B 198 6.46 -7.36 -3.29
CA VAL B 198 5.98 -7.35 -4.70
C VAL B 198 5.15 -8.64 -4.93
N ASP B 199 5.78 -9.80 -4.72
CA ASP B 199 5.18 -11.16 -4.92
C ASP B 199 3.75 -11.18 -4.38
N ILE B 200 3.55 -10.71 -3.14
CA ILE B 200 2.23 -10.70 -2.43
C ILE B 200 1.23 -9.87 -3.24
N ALA B 201 1.69 -8.78 -3.86
CA ALA B 201 0.86 -7.89 -4.72
C ALA B 201 0.58 -8.58 -6.06
N ARG B 202 1.61 -9.17 -6.67
CA ARG B 202 1.52 -9.86 -7.99
C ARG B 202 0.47 -10.98 -7.89
N SER B 203 0.70 -11.94 -6.99
CA SER B 203 -0.26 -13.03 -6.64
C SER B 203 -1.64 -12.41 -6.41
N GLN B 204 -1.70 -11.34 -5.60
CA GLN B 204 -2.95 -10.62 -5.29
C GLN B 204 -3.64 -10.27 -6.61
N LEU B 205 -2.89 -9.72 -7.57
CA LEU B 205 -3.43 -9.19 -8.85
C LEU B 205 -4.03 -10.35 -9.66
N ILE B 206 -3.22 -11.39 -9.86
CA ILE B 206 -3.49 -12.53 -10.77
C ILE B 206 -4.73 -13.27 -10.25
N ASP B 207 -4.68 -13.67 -8.98
CA ASP B 207 -5.83 -14.22 -8.21
C ASP B 207 -7.09 -13.48 -8.67
N GLU B 208 -7.04 -12.14 -8.75
CA GLU B 208 -8.19 -11.28 -9.13
C GLU B 208 -8.54 -11.54 -10.60
N PHE B 209 -7.55 -11.54 -11.48
CA PHE B 209 -7.76 -11.65 -12.95
C PHE B 209 -8.32 -13.01 -13.33
N VAL B 210 -7.86 -14.05 -12.65
CA VAL B 210 -8.33 -15.45 -12.86
C VAL B 210 -9.80 -15.51 -12.40
N ASP B 211 -10.07 -15.19 -11.12
CA ASP B 211 -11.44 -15.20 -10.54
C ASP B 211 -12.41 -14.53 -11.52
N ARG B 212 -12.01 -13.40 -12.11
CA ARG B 212 -12.88 -12.63 -13.05
C ARG B 212 -12.89 -13.34 -14.41
N PHE B 213 -11.76 -13.85 -14.89
CA PHE B 213 -11.62 -14.57 -16.18
C PHE B 213 -12.57 -15.79 -16.19
N ASN B 214 -12.55 -16.61 -15.12
CA ASN B 214 -13.36 -17.86 -15.02
C ASN B 214 -14.84 -17.50 -15.04
N HIS B 215 -15.27 -16.63 -14.13
CA HIS B 215 -16.67 -16.14 -14.04
C HIS B 215 -17.11 -15.69 -15.45
N SER B 216 -16.25 -14.93 -16.15
CA SER B 216 -16.47 -14.41 -17.53
C SER B 216 -16.80 -15.57 -18.47
N VAL B 217 -16.03 -16.65 -18.38
CA VAL B 217 -16.13 -17.84 -19.28
C VAL B 217 -17.41 -18.61 -18.91
N GLU B 218 -17.76 -18.64 -17.63
CA GLU B 218 -18.91 -19.44 -17.14
C GLU B 218 -20.20 -18.85 -17.72
N ASP B 219 -20.27 -17.52 -17.80
CA ASP B 219 -21.45 -16.73 -18.23
C ASP B 219 -21.46 -16.60 -19.76
N LEU B 220 -20.30 -16.73 -20.42
CA LEU B 220 -20.15 -16.73 -21.91
C LEU B 220 -20.66 -18.06 -22.50
N LEU B 221 -20.32 -19.18 -21.86
CA LEU B 221 -20.79 -20.54 -22.26
C LEU B 221 -22.18 -20.78 -21.66
N GLN B 222 -23.14 -19.91 -22.04
CA GLN B 222 -24.61 -20.01 -21.83
C GLN B 222 -25.28 -19.49 -23.10
N GLU B 223 -25.10 -18.20 -23.43
CA GLU B 223 -25.48 -17.60 -24.73
C GLU B 223 -24.26 -17.63 -25.66
N ASP B 228 -24.66 -12.63 -26.07
CA ASP B 228 -24.69 -11.30 -25.40
C ASP B 228 -23.30 -10.68 -25.52
N ASP B 229 -23.19 -9.44 -26.02
CA ASP B 229 -21.91 -8.75 -26.33
C ASP B 229 -21.14 -8.43 -25.06
N ASP B 230 -21.82 -7.91 -24.03
CA ASP B 230 -21.17 -7.53 -22.74
C ASP B 230 -20.36 -8.74 -22.23
N ASP B 231 -20.86 -9.97 -22.45
CA ASP B 231 -20.15 -11.24 -22.13
C ASP B 231 -18.79 -11.24 -22.84
N ILE B 232 -18.82 -11.17 -24.17
CA ILE B 232 -17.65 -11.37 -25.08
C ILE B 232 -16.49 -10.53 -24.56
N TYR B 233 -16.66 -9.21 -24.48
CA TYR B 233 -15.63 -8.26 -23.99
C TYR B 233 -15.05 -8.78 -22.66
N ASN B 234 -15.90 -9.05 -21.66
CA ASN B 234 -15.48 -9.56 -20.33
C ASN B 234 -14.40 -10.63 -20.48
N VAL B 235 -14.59 -11.56 -21.42
CA VAL B 235 -13.67 -12.70 -21.66
C VAL B 235 -12.39 -12.17 -22.31
N LEU B 236 -12.51 -11.49 -23.46
CA LEU B 236 -11.32 -11.00 -24.23
C LEU B 236 -10.47 -10.15 -23.30
N SER B 237 -11.08 -9.15 -22.66
CA SER B 237 -10.39 -8.20 -21.76
C SER B 237 -9.56 -8.98 -20.73
N THR B 238 -10.20 -9.87 -19.95
CA THR B 238 -9.60 -10.58 -18.79
C THR B 238 -8.57 -11.62 -19.27
N LEU B 239 -8.84 -12.28 -20.41
CA LEU B 239 -7.89 -13.24 -21.05
C LEU B 239 -6.62 -12.49 -21.49
N LYS B 240 -6.81 -11.42 -22.28
CA LYS B 240 -5.73 -10.54 -22.79
C LYS B 240 -4.81 -10.17 -21.62
N ARG B 241 -5.36 -9.64 -20.54
CA ARG B 241 -4.62 -9.19 -19.34
C ARG B 241 -3.72 -10.33 -18.83
N LEU B 242 -4.28 -11.53 -18.70
CA LEU B 242 -3.54 -12.71 -18.18
C LEU B 242 -2.47 -13.12 -19.21
N THR B 243 -2.84 -13.10 -20.48
CA THR B 243 -2.00 -13.57 -21.61
C THR B 243 -0.72 -12.73 -21.68
N SER B 244 -0.82 -11.40 -21.73
CA SER B 244 0.34 -10.46 -21.73
C SER B 244 1.29 -10.81 -20.57
N PHE B 245 0.72 -11.06 -19.40
CA PHE B 245 1.44 -11.39 -18.15
C PHE B 245 2.10 -12.78 -18.25
N HIS B 246 1.42 -13.74 -18.90
CA HIS B 246 1.82 -15.18 -18.92
C HIS B 246 3.16 -15.37 -19.66
N ASN B 247 3.63 -14.36 -20.40
CA ASN B 247 4.91 -14.43 -21.14
C ASN B 247 6.07 -14.46 -20.15
N ALA B 248 6.15 -13.46 -19.27
CA ALA B 248 7.29 -13.19 -18.37
C ALA B 248 6.99 -13.71 -16.95
N HIS B 249 5.74 -14.11 -16.69
CA HIS B 249 5.26 -14.56 -15.36
C HIS B 249 4.62 -15.96 -15.47
N ASP B 250 5.28 -16.96 -14.90
CA ASP B 250 4.74 -18.34 -14.73
C ASP B 250 3.40 -18.23 -13.99
N LEU B 251 2.29 -18.46 -14.70
CA LEU B 251 0.94 -18.60 -14.08
C LEU B 251 0.48 -20.05 -14.24
N THR B 252 1.32 -21.01 -13.84
CA THR B 252 1.02 -22.46 -13.88
C THR B 252 0.26 -22.83 -12.61
N LYS B 253 0.66 -22.30 -11.45
CA LYS B 253 -0.08 -22.46 -10.16
C LYS B 253 -1.58 -22.11 -10.37
N TRP B 254 -1.91 -21.35 -11.42
CA TRP B 254 -3.31 -21.02 -11.84
C TRP B 254 -3.68 -21.91 -13.03
N ASP B 255 -4.89 -22.49 -13.03
CA ASP B 255 -5.36 -23.41 -14.09
C ASP B 255 -5.92 -22.59 -15.26
N LEU B 256 -5.04 -21.91 -15.98
CA LEU B 256 -5.43 -21.11 -17.17
C LEU B 256 -5.60 -22.06 -18.36
N PHE B 257 -4.65 -22.96 -18.60
CA PHE B 257 -4.67 -23.81 -19.80
C PHE B 257 -6.03 -24.51 -19.91
N GLY B 258 -6.58 -24.98 -18.79
CA GLY B 258 -7.94 -25.55 -18.76
C GLY B 258 -8.90 -24.69 -19.57
N ASN B 259 -9.19 -23.49 -19.08
CA ASN B 259 -10.23 -22.60 -19.65
C ASN B 259 -9.90 -22.25 -21.10
N CYS B 260 -8.64 -21.93 -21.39
CA CYS B 260 -8.20 -21.61 -22.78
C CYS B 260 -8.49 -22.79 -23.71
N TYR B 261 -8.38 -24.03 -23.21
CA TYR B 261 -8.71 -25.27 -23.97
C TYR B 261 -10.22 -25.31 -24.22
N ARG B 262 -11.01 -25.16 -23.16
CA ARG B 262 -12.50 -25.13 -23.23
C ARG B 262 -12.90 -24.14 -24.34
N LEU B 263 -12.35 -22.92 -24.33
CA LEU B 263 -12.71 -21.80 -25.24
C LEU B 263 -12.42 -22.19 -26.70
N LEU B 264 -11.29 -22.87 -26.93
CA LEU B 264 -10.81 -23.21 -28.31
C LEU B 264 -11.64 -24.37 -28.85
N LYS B 265 -12.00 -25.34 -28.01
CA LYS B 265 -12.90 -26.45 -28.40
C LYS B 265 -14.28 -25.87 -28.74
N THR B 266 -14.92 -25.14 -27.81
CA THR B 266 -16.27 -24.51 -28.00
C THR B 266 -16.34 -23.82 -29.36
N GLY B 267 -15.25 -23.14 -29.75
CA GLY B 267 -15.15 -22.36 -31.00
C GLY B 267 -14.94 -23.25 -32.22
N ILE B 268 -14.33 -24.43 -32.04
CA ILE B 268 -14.10 -25.43 -33.13
C ILE B 268 -15.42 -26.16 -33.48
N GLU B 269 -16.13 -26.73 -32.50
CA GLU B 269 -17.34 -27.58 -32.75
C GLU B 269 -18.55 -26.70 -33.11
N HIS B 270 -18.36 -25.38 -33.27
CA HIS B 270 -19.44 -24.43 -33.66
C HIS B 270 -18.90 -23.45 -34.70
N GLY B 271 -17.86 -22.67 -34.37
CA GLY B 271 -17.42 -21.51 -35.16
C GLY B 271 -18.01 -20.22 -34.61
N ALA B 272 -18.57 -20.27 -33.39
CA ALA B 272 -19.29 -19.18 -32.70
C ALA B 272 -18.31 -18.10 -32.19
N MET B 273 -17.23 -18.55 -31.55
CA MET B 273 -16.26 -17.76 -30.71
C MET B 273 -15.57 -16.65 -31.50
N PRO B 274 -15.66 -15.37 -31.06
CA PRO B 274 -14.93 -14.26 -31.69
C PRO B 274 -13.45 -14.56 -31.94
N GLU B 275 -12.87 -13.94 -32.97
CA GLU B 275 -11.55 -14.33 -33.50
C GLU B 275 -10.43 -13.96 -32.51
N GLN B 276 -10.58 -12.87 -31.76
CA GLN B 276 -9.49 -12.36 -30.89
C GLN B 276 -9.36 -13.24 -29.64
N ILE B 277 -10.48 -13.70 -29.08
CA ILE B 277 -10.51 -14.62 -27.91
C ILE B 277 -9.86 -15.95 -28.31
N VAL B 278 -10.06 -16.38 -29.55
CA VAL B 278 -9.39 -17.58 -30.12
C VAL B 278 -7.88 -17.35 -30.17
N VAL B 279 -7.44 -16.19 -30.68
CA VAL B 279 -6.00 -15.85 -30.86
C VAL B 279 -5.34 -15.86 -29.48
N GLN B 280 -5.84 -15.01 -28.57
CA GLN B 280 -5.31 -14.80 -27.20
C GLN B 280 -5.19 -16.17 -26.51
N ALA B 281 -6.25 -16.97 -26.57
CA ALA B 281 -6.35 -18.29 -25.88
C ALA B 281 -5.20 -19.19 -26.33
N LEU B 282 -5.02 -19.31 -27.65
CA LEU B 282 -3.86 -20.01 -28.26
C LEU B 282 -2.58 -19.47 -27.61
N GLN B 283 -2.37 -18.16 -27.70
CA GLN B 283 -1.15 -17.49 -27.16
C GLN B 283 -0.96 -17.90 -25.68
N CYS B 284 -1.99 -17.81 -24.85
CA CYS B 284 -1.93 -18.05 -23.38
C CYS B 284 -1.61 -19.54 -23.13
N SER B 285 -2.30 -20.42 -23.87
CA SER B 285 -2.15 -21.90 -23.80
C SER B 285 -0.69 -22.25 -24.11
N HIS B 286 -0.09 -21.52 -25.05
CA HIS B 286 1.32 -21.71 -25.49
C HIS B 286 2.26 -21.27 -24.37
N TYR B 287 1.98 -20.13 -23.76
CA TYR B 287 2.79 -19.62 -22.62
C TYR B 287 2.72 -20.66 -21.49
N SER B 288 1.51 -21.15 -21.18
CA SER B 288 1.23 -22.15 -20.12
C SER B 288 2.12 -23.38 -20.32
N ILE B 289 2.25 -23.79 -21.59
CA ILE B 289 3.02 -25.01 -22.00
C ILE B 289 4.51 -24.72 -21.83
N LEU B 290 5.00 -23.61 -22.40
CA LEU B 290 6.42 -23.19 -22.33
C LEU B 290 6.87 -23.15 -20.86
N TRP B 291 6.00 -22.62 -19.99
CA TRP B 291 6.30 -22.47 -18.55
C TRP B 291 6.39 -23.84 -17.89
N GLN B 292 5.57 -24.80 -18.32
CA GLN B 292 5.58 -26.17 -17.76
C GLN B 292 6.90 -26.85 -18.16
N LEU B 293 7.39 -26.63 -19.38
CA LEU B 293 8.60 -27.27 -19.94
C LEU B 293 9.86 -26.71 -19.24
N VAL B 294 9.78 -25.48 -18.72
CA VAL B 294 10.87 -24.85 -17.92
C VAL B 294 10.97 -25.61 -16.59
N LYS B 295 9.86 -25.78 -15.87
CA LYS B 295 9.78 -26.43 -14.52
C LYS B 295 10.38 -27.85 -14.60
N ILE B 296 10.05 -28.59 -15.66
CA ILE B 296 10.60 -29.94 -15.97
C ILE B 296 12.09 -29.81 -16.28
N THR B 297 12.47 -29.10 -17.36
CA THR B 297 13.86 -28.99 -17.87
C THR B 297 14.78 -28.43 -16.76
N ASP B 298 14.25 -27.60 -15.86
CA ASP B 298 14.96 -27.06 -14.67
C ASP B 298 14.40 -27.69 -13.39
N GLY B 299 14.57 -29.00 -13.22
CA GLY B 299 14.25 -29.73 -11.98
C GLY B 299 14.77 -31.16 -12.05
N SER B 300 14.11 -32.10 -11.38
CA SER B 300 14.15 -33.55 -11.71
C SER B 300 12.71 -34.09 -11.72
N PRO B 301 12.17 -34.43 -12.92
CA PRO B 301 10.79 -34.87 -13.04
C PRO B 301 10.67 -36.39 -12.88
N SER B 302 9.50 -36.87 -12.41
CA SER B 302 9.10 -38.30 -12.46
C SER B 302 8.62 -38.63 -13.87
N LYS B 303 8.38 -39.90 -14.19
CA LYS B 303 7.86 -40.32 -15.52
C LYS B 303 6.42 -39.83 -15.64
N GLU B 304 5.65 -39.90 -14.55
CA GLU B 304 4.28 -39.31 -14.44
C GLU B 304 4.30 -37.85 -14.91
N ASP B 305 5.23 -37.05 -14.37
CA ASP B 305 5.43 -35.62 -14.72
C ASP B 305 5.53 -35.48 -16.24
N LEU B 306 6.39 -36.29 -16.89
CA LEU B 306 6.67 -36.19 -18.34
C LEU B 306 5.38 -36.48 -19.12
N LEU B 307 4.63 -37.52 -18.71
CA LEU B 307 3.46 -38.05 -19.47
C LEU B 307 2.31 -37.04 -19.37
N VAL B 308 2.10 -36.46 -18.18
CA VAL B 308 1.02 -35.46 -17.92
C VAL B 308 1.13 -34.31 -18.93
N LEU B 309 2.35 -33.84 -19.22
CA LEU B 309 2.64 -32.78 -20.23
C LEU B 309 2.43 -33.30 -21.66
N ARG B 310 2.98 -34.47 -21.99
CA ARG B 310 2.87 -35.09 -23.34
C ARG B 310 1.38 -35.09 -23.76
N LYS B 311 0.49 -35.41 -22.82
CA LYS B 311 -0.98 -35.32 -22.98
C LYS B 311 -1.29 -33.92 -23.51
N THR B 312 -1.10 -32.90 -22.66
CA THR B 312 -1.41 -31.48 -22.91
C THR B 312 -0.87 -31.05 -24.28
N VAL B 313 0.40 -31.33 -24.58
CA VAL B 313 1.08 -30.83 -25.81
C VAL B 313 0.38 -31.41 -27.06
N LYS B 314 0.04 -32.70 -27.04
CA LYS B 314 -0.73 -33.36 -28.15
C LYS B 314 -2.14 -32.72 -28.24
N SER B 315 -2.82 -32.53 -27.10
CA SER B 315 -4.17 -31.88 -27.00
C SER B 315 -4.14 -30.50 -27.66
N PHE B 316 -3.08 -29.73 -27.39
CA PHE B 316 -2.87 -28.37 -27.94
C PHE B 316 -2.62 -28.51 -29.45
N LEU B 317 -1.58 -29.26 -29.84
CA LEU B 317 -1.23 -29.51 -31.27
C LEU B 317 -2.48 -29.87 -32.08
N ALA B 318 -3.38 -30.67 -31.49
CA ALA B 318 -4.72 -31.00 -32.03
C ALA B 318 -5.53 -29.72 -32.25
N VAL B 319 -5.67 -28.88 -31.23
CA VAL B 319 -6.44 -27.60 -31.30
C VAL B 319 -5.82 -26.74 -32.41
N CYS B 320 -4.48 -26.64 -32.46
CA CYS B 320 -3.70 -25.71 -33.34
C CYS B 320 -3.83 -26.10 -34.81
N GLN B 321 -3.94 -27.40 -35.12
CA GLN B 321 -4.16 -27.91 -36.50
C GLN B 321 -5.62 -27.69 -36.90
N GLN B 322 -6.57 -28.05 -36.02
CA GLN B 322 -8.03 -27.82 -36.21
C GLN B 322 -8.25 -26.32 -36.55
N CYS B 323 -7.36 -25.45 -36.04
CA CYS B 323 -7.47 -23.96 -36.12
C CYS B 323 -6.86 -23.40 -37.41
N LEU B 324 -6.03 -24.16 -38.14
CA LEU B 324 -5.52 -23.75 -39.48
C LEU B 324 -6.71 -23.62 -40.43
N SER B 325 -7.76 -24.38 -40.14
CA SER B 325 -9.01 -24.45 -40.92
C SER B 325 -10.00 -23.40 -40.42
N ASN B 326 -9.61 -22.54 -39.47
CA ASN B 326 -10.48 -21.45 -38.95
C ASN B 326 -10.64 -20.41 -40.07
N VAL B 327 -11.80 -19.76 -40.11
CA VAL B 327 -12.20 -18.84 -41.21
C VAL B 327 -11.31 -17.58 -41.15
N ASN B 328 -11.29 -16.88 -40.01
CA ASN B 328 -10.52 -15.61 -39.81
C ASN B 328 -9.02 -15.92 -39.97
N THR B 329 -8.30 -15.08 -40.72
CA THR B 329 -6.87 -15.30 -41.09
C THR B 329 -5.95 -15.12 -39.89
N PRO B 330 -6.13 -14.05 -39.06
CA PRO B 330 -5.31 -13.93 -37.85
C PRO B 330 -5.21 -15.29 -37.12
N VAL B 331 -6.36 -15.94 -36.91
CA VAL B 331 -6.48 -17.24 -36.19
C VAL B 331 -5.61 -18.29 -36.90
N LYS B 332 -5.54 -18.23 -38.22
CA LYS B 332 -4.73 -19.17 -39.03
C LYS B 332 -3.25 -18.87 -38.82
N GLU B 333 -2.87 -17.60 -38.95
CA GLU B 333 -1.46 -17.18 -38.87
C GLU B 333 -0.92 -17.51 -37.48
N GLN B 334 -1.75 -17.30 -36.45
CA GLN B 334 -1.37 -17.51 -35.03
C GLN B 334 -1.07 -19.01 -34.88
N ALA B 335 -2.05 -19.85 -35.19
CA ALA B 335 -1.94 -21.33 -35.14
C ALA B 335 -0.61 -21.73 -35.76
N PHE B 336 -0.40 -21.33 -37.01
CA PHE B 336 0.74 -21.74 -37.87
C PHE B 336 2.06 -21.40 -37.17
N MET B 337 2.20 -20.17 -36.70
CA MET B 337 3.41 -19.73 -35.97
C MET B 337 3.63 -20.69 -34.79
N LEU B 338 2.58 -20.90 -33.99
CA LEU B 338 2.65 -21.68 -32.72
C LEU B 338 3.02 -23.14 -33.01
N LEU B 339 2.55 -23.71 -34.13
CA LEU B 339 2.89 -25.10 -34.53
C LEU B 339 4.38 -25.14 -34.85
N CYS B 340 4.83 -24.26 -35.75
CA CYS B 340 6.24 -24.14 -36.21
C CYS B 340 7.14 -23.97 -34.99
N ASP B 341 6.73 -23.17 -34.00
CA ASP B 341 7.55 -22.93 -32.78
C ASP B 341 7.49 -24.18 -31.89
N LEU B 342 6.35 -24.88 -31.83
CA LEU B 342 6.16 -26.08 -30.95
C LEU B 342 6.93 -27.29 -31.50
N LEU B 343 6.84 -27.53 -32.81
CA LEU B 343 7.56 -28.63 -33.50
C LEU B 343 9.08 -28.46 -33.32
N MET B 344 9.56 -27.21 -33.45
CA MET B 344 10.96 -26.81 -33.19
C MET B 344 11.36 -27.22 -31.76
N ILE B 345 10.45 -27.06 -30.79
CA ILE B 345 10.73 -27.16 -29.33
C ILE B 345 10.80 -28.63 -28.90
N PHE B 346 9.82 -29.44 -29.33
CA PHE B 346 9.67 -30.86 -28.94
C PHE B 346 10.19 -31.75 -30.09
N SER B 347 11.50 -32.00 -30.08
CA SER B 347 12.25 -32.70 -31.17
C SER B 347 13.57 -33.18 -30.58
N HIS B 348 14.40 -33.89 -31.37
CA HIS B 348 15.73 -34.39 -30.93
C HIS B 348 16.50 -33.23 -30.27
N GLN B 349 16.36 -32.02 -30.81
CA GLN B 349 16.91 -30.77 -30.22
C GLN B 349 16.74 -30.86 -28.69
N LEU B 350 15.50 -31.13 -28.26
CA LEU B 350 15.09 -31.13 -26.83
C LEU B 350 15.98 -32.05 -26.00
N MET B 351 16.64 -33.05 -26.62
CA MET B 351 17.33 -34.17 -25.92
C MET B 351 18.85 -33.93 -25.83
N THR B 352 19.46 -33.32 -26.85
CA THR B 352 20.92 -33.04 -26.91
C THR B 352 21.30 -32.19 -25.68
N GLY B 353 22.58 -32.23 -25.30
CA GLY B 353 23.10 -31.68 -24.04
C GLY B 353 22.75 -32.57 -22.86
N GLY B 354 22.96 -33.89 -23.02
CA GLY B 354 22.85 -34.91 -21.96
C GLY B 354 21.47 -34.97 -21.32
N ARG B 355 20.40 -34.73 -22.10
CA ARG B 355 18.99 -34.70 -21.63
C ARG B 355 18.18 -35.76 -22.39
N GLU B 356 18.63 -37.02 -22.33
CA GLU B 356 18.03 -38.16 -23.07
C GLU B 356 16.71 -38.58 -22.38
N GLY B 357 16.55 -38.24 -21.10
CA GLY B 357 15.39 -38.61 -20.26
C GLY B 357 14.11 -37.90 -20.67
N LEU B 358 14.19 -36.94 -21.60
CA LEU B 358 13.01 -36.21 -22.14
C LEU B 358 12.59 -36.79 -23.49
N GLN B 359 12.89 -38.07 -23.73
CA GLN B 359 12.47 -38.82 -24.94
C GLN B 359 10.94 -38.82 -25.05
N PRO B 360 10.17 -39.04 -23.96
CA PRO B 360 8.71 -39.16 -24.07
C PRO B 360 7.98 -37.88 -24.48
N LEU B 361 8.70 -36.74 -24.53
CA LEU B 361 8.13 -35.40 -24.83
C LEU B 361 8.35 -35.01 -26.30
N VAL B 362 9.22 -35.75 -27.02
CA VAL B 362 9.53 -35.53 -28.46
C VAL B 362 8.25 -35.75 -29.29
N PHE B 363 8.18 -35.12 -30.47
CA PHE B 363 7.05 -35.21 -31.43
C PHE B 363 7.58 -35.06 -32.85
N ASN B 364 7.74 -36.17 -33.57
CA ASN B 364 7.94 -36.18 -35.04
C ASN B 364 6.56 -35.95 -35.65
N PRO B 365 6.35 -34.93 -36.52
CA PRO B 365 5.02 -34.67 -37.09
C PRO B 365 4.62 -35.75 -38.09
N ASP B 366 3.31 -36.04 -38.20
CA ASP B 366 2.78 -36.99 -39.20
C ASP B 366 2.63 -36.28 -40.55
N THR B 367 2.70 -37.04 -41.64
CA THR B 367 2.59 -36.59 -43.05
C THR B 367 1.27 -35.83 -43.26
N GLY B 368 0.24 -36.18 -42.49
CA GLY B 368 -1.06 -35.48 -42.47
C GLY B 368 -0.88 -34.02 -42.14
N LEU B 369 -0.01 -33.74 -41.17
CA LEU B 369 0.35 -32.36 -40.72
C LEU B 369 1.29 -31.73 -41.77
N GLN B 370 2.54 -32.19 -41.85
CA GLN B 370 3.59 -31.61 -42.72
C GLN B 370 2.96 -31.05 -43.99
N SER B 371 2.04 -31.82 -44.58
CA SER B 371 1.28 -31.45 -45.81
C SER B 371 0.40 -30.23 -45.54
N GLU B 372 -0.32 -30.19 -44.41
CA GLU B 372 -1.28 -29.11 -44.08
C GLU B 372 -0.53 -27.81 -43.78
N LEU B 373 0.69 -27.92 -43.24
CA LEU B 373 1.64 -26.79 -43.02
C LEU B 373 2.13 -26.26 -44.37
N LEU B 374 2.76 -27.12 -45.16
CA LEU B 374 3.15 -26.84 -46.57
C LEU B 374 2.05 -26.00 -47.26
N SER B 375 0.82 -26.52 -47.32
CA SER B 375 -0.34 -25.92 -48.02
C SER B 375 -0.58 -24.49 -47.53
N PHE B 376 -0.42 -24.25 -46.22
CA PHE B 376 -0.62 -22.93 -45.57
C PHE B 376 0.40 -21.92 -46.10
N VAL B 377 1.65 -22.35 -46.28
CA VAL B 377 2.75 -21.52 -46.86
C VAL B 377 2.38 -21.12 -48.28
N MET B 378 2.04 -22.10 -49.13
CA MET B 378 1.68 -21.87 -50.57
C MET B 378 0.50 -20.92 -50.64
N ASP B 379 -0.48 -21.06 -49.72
CA ASP B 379 -1.70 -20.20 -49.71
C ASP B 379 -1.30 -18.77 -49.30
N HIS B 380 -0.55 -18.58 -48.20
CA HIS B 380 -0.39 -17.26 -47.51
C HIS B 380 0.96 -16.59 -47.76
N VAL B 381 1.95 -17.29 -48.33
CA VAL B 381 3.30 -16.73 -48.57
C VAL B 381 3.43 -16.28 -50.03
N PHE B 382 3.01 -17.10 -51.00
CA PHE B 382 3.30 -16.94 -52.45
C PHE B 382 2.05 -16.42 -53.17
N ILE B 383 2.06 -15.12 -53.58
CA ILE B 383 0.86 -14.32 -54.00
C ILE B 383 1.17 -13.47 -55.25
N ASP B 384 0.14 -12.83 -55.83
CA ASP B 384 0.25 -11.71 -56.80
C ASP B 384 1.61 -11.02 -56.66
N ASP B 398 -1.33 3.64 -50.35
CA ASP B 398 -0.28 3.86 -49.33
C ASP B 398 0.76 2.74 -49.43
N GLU B 399 1.96 3.07 -49.97
CA GLU B 399 3.09 2.13 -50.22
C GLU B 399 3.64 1.60 -48.91
N ALA B 400 3.51 2.36 -47.82
CA ALA B 400 3.97 2.00 -46.46
C ALA B 400 3.12 0.86 -45.87
N ASN B 401 1.93 0.60 -46.42
CA ASN B 401 0.96 -0.38 -45.85
C ASN B 401 1.26 -1.80 -46.35
N LYS B 402 1.97 -1.94 -47.47
CA LYS B 402 2.24 -3.24 -48.15
C LYS B 402 3.58 -3.83 -47.66
N ILE B 403 4.51 -2.97 -47.21
CA ILE B 403 5.76 -3.39 -46.50
C ILE B 403 5.35 -3.88 -45.10
N GLU B 404 4.18 -3.45 -44.61
CA GLU B 404 3.47 -4.04 -43.45
C GLU B 404 3.41 -5.56 -43.63
N ALA B 405 2.60 -6.02 -44.58
CA ALA B 405 2.23 -7.44 -44.79
C ALA B 405 3.43 -8.24 -45.35
N LEU B 406 4.44 -7.58 -45.93
CA LEU B 406 5.61 -8.27 -46.56
C LEU B 406 6.49 -8.92 -45.50
N HIS B 407 6.81 -8.20 -44.41
CA HIS B 407 7.66 -8.70 -43.30
C HIS B 407 6.91 -9.80 -42.54
N LYS B 408 5.59 -9.67 -42.42
CA LYS B 408 4.72 -10.72 -41.82
C LYS B 408 4.94 -12.02 -42.61
N ARG B 409 4.74 -11.98 -43.92
CA ARG B 409 4.84 -13.19 -44.79
C ARG B 409 6.24 -13.80 -44.62
N ARG B 410 7.27 -12.98 -44.79
CA ARG B 410 8.70 -13.39 -44.65
C ARG B 410 8.91 -14.15 -43.34
N ASN B 411 8.22 -13.73 -42.26
CA ASN B 411 8.27 -14.39 -40.94
C ASN B 411 7.55 -15.75 -41.00
N LEU B 412 6.35 -15.81 -41.58
CA LEU B 412 5.61 -17.09 -41.73
C LEU B 412 6.55 -18.10 -42.39
N LEU B 413 7.32 -17.66 -43.41
CA LEU B 413 8.24 -18.53 -44.19
C LEU B 413 9.41 -18.97 -43.31
N ALA B 414 10.18 -18.03 -42.77
CA ALA B 414 11.36 -18.32 -41.92
C ALA B 414 10.97 -19.32 -40.84
N ALA B 415 9.75 -19.22 -40.31
CA ALA B 415 9.19 -20.17 -39.32
C ALA B 415 9.25 -21.60 -39.87
N PHE B 416 8.63 -21.84 -41.03
CA PHE B 416 8.58 -23.15 -41.75
C PHE B 416 9.99 -23.58 -42.21
N SER B 417 10.79 -22.63 -42.69
CA SER B 417 12.19 -22.87 -43.13
C SER B 417 12.95 -23.59 -42.02
N LYS B 418 12.93 -23.05 -40.80
CA LYS B 418 13.68 -23.59 -39.62
C LYS B 418 13.34 -25.09 -39.46
N LEU B 419 12.13 -25.52 -39.79
CA LEU B 419 11.70 -26.95 -39.62
C LEU B 419 12.39 -27.82 -40.66
N ILE B 420 12.81 -27.25 -41.79
CA ILE B 420 13.53 -27.99 -42.87
C ILE B 420 15.01 -28.11 -42.49
N ILE B 421 15.65 -27.00 -42.14
CA ILE B 421 17.08 -26.96 -41.71
C ILE B 421 17.30 -27.93 -40.54
N TYR B 422 16.34 -28.05 -39.62
CA TYR B 422 16.50 -28.80 -38.34
C TYR B 422 15.95 -30.23 -38.50
N ASP B 423 15.80 -30.72 -39.74
CA ASP B 423 15.55 -32.14 -40.09
C ASP B 423 14.09 -32.51 -39.81
N ILE B 424 13.25 -31.56 -39.43
CA ILE B 424 11.95 -31.81 -38.75
C ILE B 424 10.85 -32.12 -39.78
N VAL B 425 10.81 -31.37 -40.89
CA VAL B 425 9.86 -31.62 -42.01
C VAL B 425 10.68 -32.14 -43.19
N ASP B 426 10.05 -32.95 -44.07
CA ASP B 426 10.68 -33.58 -45.25
C ASP B 426 10.89 -32.53 -46.34
N MET B 427 12.10 -32.44 -46.90
CA MET B 427 12.45 -31.39 -47.89
C MET B 427 11.82 -31.70 -49.26
N HIS B 428 11.67 -32.98 -49.62
CA HIS B 428 11.06 -33.45 -50.91
C HIS B 428 9.57 -33.08 -50.91
N ALA B 429 8.86 -33.36 -49.82
CA ALA B 429 7.45 -32.93 -49.61
C ALA B 429 7.38 -31.40 -49.68
N ALA B 430 8.41 -30.72 -49.18
CA ALA B 430 8.47 -29.26 -48.93
C ALA B 430 8.99 -28.49 -50.15
N ALA B 431 9.43 -29.18 -51.21
CA ALA B 431 10.03 -28.56 -52.42
C ALA B 431 9.01 -27.67 -53.13
N ASP B 432 7.72 -27.73 -52.76
CA ASP B 432 6.60 -26.95 -53.37
C ASP B 432 6.90 -25.43 -53.35
N ILE B 433 7.77 -24.94 -52.44
CA ILE B 433 8.05 -23.48 -52.22
C ILE B 433 9.10 -22.96 -53.24
N PHE B 434 10.21 -23.71 -53.43
CA PHE B 434 11.40 -23.33 -54.25
C PHE B 434 11.03 -23.30 -55.75
N LYS B 435 9.92 -23.97 -56.11
CA LYS B 435 9.30 -23.90 -57.45
C LYS B 435 9.27 -22.42 -57.91
N HIS B 436 8.92 -21.49 -57.00
CA HIS B 436 8.91 -20.02 -57.24
C HIS B 436 10.06 -19.33 -56.47
N TYR B 437 11.28 -19.91 -56.51
CA TYR B 437 12.51 -19.41 -55.83
C TYR B 437 12.97 -18.09 -56.46
N MET B 438 13.07 -18.06 -57.79
CA MET B 438 13.53 -16.86 -58.55
C MET B 438 12.37 -15.86 -58.68
N LYS B 439 11.16 -16.35 -58.96
CA LYS B 439 9.95 -15.49 -59.12
C LYS B 439 9.93 -14.49 -57.97
N TYR B 440 10.17 -14.96 -56.75
CA TYR B 440 10.20 -14.14 -55.50
C TYR B 440 11.61 -14.11 -54.91
N TYR B 441 12.65 -13.84 -55.72
CA TYR B 441 14.03 -13.71 -55.18
C TYR B 441 14.11 -12.41 -54.34
N ASN B 442 13.47 -11.33 -54.79
CA ASN B 442 13.47 -10.02 -54.11
C ASN B 442 12.82 -10.18 -52.72
N ASP B 443 11.59 -10.68 -52.70
CA ASP B 443 10.73 -10.80 -51.48
C ASP B 443 11.36 -11.76 -50.46
N TYR B 444 11.61 -13.02 -50.84
CA TYR B 444 11.97 -14.14 -49.92
C TYR B 444 13.37 -14.74 -50.17
N GLY B 445 14.00 -14.44 -51.31
CA GLY B 445 15.24 -15.07 -51.79
C GLY B 445 16.23 -15.44 -50.67
N ASP B 446 16.45 -14.56 -49.70
CA ASP B 446 17.52 -14.71 -48.68
C ASP B 446 17.12 -15.89 -47.78
N ILE B 447 15.86 -15.86 -47.33
CA ILE B 447 15.21 -16.92 -46.50
C ILE B 447 15.36 -18.24 -47.27
N ILE B 448 15.00 -18.26 -48.55
CA ILE B 448 15.01 -19.52 -49.36
C ILE B 448 16.46 -19.94 -49.62
N LYS B 449 17.35 -19.04 -50.06
CA LYS B 449 18.74 -19.44 -50.40
C LYS B 449 19.43 -20.02 -49.15
N GLU B 450 19.21 -19.44 -47.96
CA GLU B 450 19.86 -19.90 -46.70
C GLU B 450 19.26 -21.22 -46.20
N THR B 451 18.07 -21.60 -46.68
CA THR B 451 17.43 -22.92 -46.44
C THR B 451 18.15 -23.96 -47.29
N LEU B 452 18.12 -23.77 -48.61
CA LEU B 452 18.75 -24.66 -49.64
C LEU B 452 20.24 -24.75 -49.31
N SER B 453 20.89 -23.59 -49.10
CA SER B 453 22.36 -23.46 -48.91
C SER B 453 22.82 -24.36 -47.75
N LYS B 454 22.14 -24.33 -46.60
CA LYS B 454 22.65 -24.98 -45.36
C LYS B 454 22.26 -26.46 -45.30
N THR B 455 21.11 -26.86 -45.87
CA THR B 455 20.70 -28.30 -45.94
C THR B 455 21.30 -28.92 -47.20
N1 NU4 C . -0.98 32.82 52.78
C4 NU4 C . -1.24 33.61 49.12
C5 NU4 C . -1.43 32.98 50.39
C6 NU4 C . -1.22 33.62 51.70
C7 NU4 C . -0.65 33.22 54.10
C8 NU4 C . -1.11 34.41 54.65
C10 NU4 C . 0.49 32.85 56.17
C1 NU4 C . -2.22 30.54 50.97
C11 NU4 C . 0.17 32.42 54.90
C2 NU4 C . -1.86 31.71 50.14
C3 NU4 C . -1.54 32.71 48.18
C9 NU4 C . -0.75 34.73 55.93
N2 NU4 C . 0.05 33.99 56.71
O1 NU4 C . -1.92 31.53 48.78
O2 NU4 C . -1.23 34.84 51.81
N1 NU4 D . 15.18 -9.29 -49.41
C4 NU4 D . 16.93 -11.88 -50.12
C5 NU4 D . 17.13 -10.48 -50.08
C6 NU4 D . 16.49 -9.54 -49.17
C7 NU4 D . 14.25 -8.64 -48.57
C8 NU4 D . 13.12 -8.04 -49.12
C10 NU4 D . 13.48 -7.92 -46.44
C1 NU4 D . 18.65 -8.96 -51.56
C11 NU4 D . 14.43 -8.56 -47.19
C2 NU4 D . 18.03 -10.20 -51.05
C3 NU4 D . 17.70 -12.37 -51.09
C9 NU4 D . 12.24 -7.42 -48.28
N2 NU4 D . 12.38 -7.34 -46.94
O1 NU4 D . 18.39 -11.35 -51.69
O2 NU4 D . 17.11 -9.03 -48.24
#